data_4IT4
#
_entry.id   4IT4
#
_cell.length_a   66.098
_cell.length_b   90.193
_cell.length_c   249.671
_cell.angle_alpha   90.000
_cell.angle_beta   90.000
_cell.angle_gamma   90.000
#
_symmetry.space_group_name_H-M   'P 21 21 21'
#
loop_
_entity.id
_entity.type
_entity.pdbx_description
1 polymer CG17282
2 non-polymer 'FORMIC ACID'
3 non-polymer GLYCEROL
4 non-polymer 'ACETIC ACID'
5 water water
#
_entity_poly.entity_id   1
_entity_poly.type   'polypeptide(L)'
_entity_poly.pdbx_seq_one_letter_code
;GPGSMDWYVGTEWEDKNRGLAKKVIGLQFTEMDKPTIISTVEFSVNKKATNLGGRPSKYLVSDESATYPQKHSLEMGTSL
TAVDCYLELLLQQFVPGETAACSITTKTGERIEFELKLEKIVKNTQVEKLSAAEIYEVALRLKESGVATFKTFPKFAFDY
FVRAAKLLITYKPFDKLTKKTNGINGQAVEELFIQIQTNLAACLLQEKRYEHVIY
;
_entity_poly.pdbx_strand_id   A,B,C,D,E,F
#
# COMPACT_ATOMS: atom_id res chain seq x y z
N ASP A 6 -14.90 38.04 30.50
CA ASP A 6 -14.69 37.26 29.28
C ASP A 6 -14.36 35.80 29.56
N TRP A 7 -15.06 34.90 28.87
CA TRP A 7 -14.88 33.47 29.06
C TRP A 7 -14.27 32.82 27.81
N TYR A 8 -14.89 33.05 26.65
CA TYR A 8 -14.43 32.48 25.40
C TYR A 8 -13.10 33.09 24.94
N VAL A 9 -12.82 34.31 25.36
CA VAL A 9 -11.64 34.95 24.89
C VAL A 9 -10.41 34.29 25.45
N GLY A 10 -9.51 33.92 24.57
CA GLY A 10 -8.30 33.27 24.98
C GLY A 10 -8.37 31.79 24.78
N THR A 11 -9.52 31.24 24.47
CA THR A 11 -9.54 29.84 24.28
C THR A 11 -8.93 29.42 22.98
N GLU A 12 -8.57 28.18 22.91
CA GLU A 12 -7.75 27.69 21.81
C GLU A 12 -8.26 26.38 21.21
N TRP A 13 -7.98 26.20 19.92
CA TRP A 13 -8.32 25.00 19.20
C TRP A 13 -7.16 24.65 18.29
N GLU A 14 -6.93 23.36 18.06
CA GLU A 14 -5.85 22.91 17.19
C GLU A 14 -6.23 21.68 16.37
N ASP A 15 -5.58 21.55 15.22
CA ASP A 15 -5.62 20.33 14.42
C ASP A 15 -4.18 20.06 14.02
N LYS A 16 -3.45 19.37 14.90
CA LYS A 16 -2.02 19.12 14.73
C LYS A 16 -1.69 18.46 13.40
N ASN A 17 -2.50 17.50 13.00
CA ASN A 17 -2.36 16.82 11.72
C ASN A 17 -2.27 17.75 10.51
N ARG A 18 -2.89 18.91 10.59
CA ARG A 18 -2.93 19.85 9.46
C ARG A 18 -2.20 21.14 9.75
N GLY A 19 -1.69 21.29 10.97
CA GLY A 19 -0.90 22.46 11.33
C GLY A 19 -1.76 23.68 11.48
N LEU A 20 -2.97 23.48 12.00
CA LEU A 20 -3.93 24.56 12.18
C LEU A 20 -4.11 24.89 13.65
N ALA A 21 -4.05 26.18 13.98
CA ALA A 21 -4.27 26.62 15.35
C ALA A 21 -5.11 27.90 15.34
N LYS A 22 -5.98 28.03 16.34
CA LYS A 22 -6.89 29.15 16.44
C LYS A 22 -6.88 29.64 17.88
N LYS A 23 -6.84 30.96 18.07
CA LYS A 23 -6.95 31.53 19.42
C LYS A 23 -7.90 32.74 19.42
N VAL A 24 -8.98 32.60 20.19
CA VAL A 24 -10.02 33.63 20.27
C VAL A 24 -9.48 34.90 20.90
N ILE A 25 -9.76 36.04 20.28
CA ILE A 25 -9.31 37.31 20.85
C ILE A 25 -10.46 38.28 21.11
N GLY A 26 -11.62 37.99 20.53
CA GLY A 26 -12.80 38.79 20.74
C GLY A 26 -14.08 38.04 20.44
N LEU A 27 -15.17 38.43 21.09
CA LEU A 27 -16.46 37.79 20.83
C LEU A 27 -17.60 38.80 20.94
N GLN A 28 -18.45 38.79 19.93
CA GLN A 28 -19.73 39.48 19.99
C GLN A 28 -20.74 38.36 19.98
N PHE A 29 -21.10 37.87 21.16
CA PHE A 29 -21.91 36.65 21.24
C PHE A 29 -23.30 36.82 20.65
N THR A 30 -23.72 35.84 19.87
CA THR A 30 -25.09 35.76 19.39
C THR A 30 -25.63 34.34 19.62
N GLU A 31 -24.78 33.33 19.45
CA GLU A 31 -25.13 31.92 19.62
C GLU A 31 -23.90 31.03 19.48
N MET A 32 -24.00 29.77 19.89
CA MET A 32 -22.85 28.86 19.85
C MET A 32 -22.82 27.97 18.61
N ASP A 33 -23.50 28.40 17.55
CA ASP A 33 -23.54 27.66 16.30
C ASP A 33 -22.23 27.74 15.50
N LYS A 34 -21.85 26.63 14.86
CA LYS A 34 -20.66 26.60 14.02
C LYS A 34 -21.03 26.25 12.59
N PRO A 35 -20.26 26.76 11.63
CA PRO A 35 -20.52 26.46 10.22
C PRO A 35 -20.35 24.96 9.97
N THR A 36 -21.19 24.40 9.10
CA THR A 36 -21.07 22.99 8.71
C THR A 36 -20.17 22.88 7.50
N ILE A 37 -19.91 21.64 7.08
CA ILE A 37 -19.03 21.40 5.93
C ILE A 37 -19.64 21.84 4.61
N ILE A 38 -20.91 22.20 4.64
CA ILE A 38 -21.61 22.67 3.43
C ILE A 38 -22.29 24.02 3.62
N SER A 39 -21.85 24.77 4.62
CA SER A 39 -22.46 26.06 4.92
C SER A 39 -21.99 27.20 4.01
N THR A 40 -22.74 28.29 4.03
CA THR A 40 -22.35 29.53 3.40
C THR A 40 -22.18 30.56 4.51
N VAL A 41 -21.03 31.23 4.55
CA VAL A 41 -20.76 32.21 5.60
C VAL A 41 -20.28 33.55 5.07
N GLU A 42 -20.33 34.55 5.93
CA GLU A 42 -19.68 35.82 5.64
C GLU A 42 -18.66 36.05 6.73
N PHE A 43 -17.46 36.44 6.32
CA PHE A 43 -16.37 36.63 7.25
C PHE A 43 -15.47 37.73 6.72
N SER A 44 -14.63 38.24 7.59
CA SER A 44 -13.71 39.28 7.20
C SER A 44 -12.26 38.97 7.58
N VAL A 45 -11.33 39.43 6.75
CA VAL A 45 -9.91 39.37 7.07
C VAL A 45 -9.56 40.71 7.70
N ASN A 46 -9.04 40.68 8.92
CA ASN A 46 -8.91 41.90 9.70
C ASN A 46 -7.66 42.72 9.42
N LYS A 47 -6.61 42.06 8.98
CA LYS A 47 -5.39 42.73 8.56
C LYS A 47 -4.63 41.86 7.58
N LYS A 48 -3.54 42.40 7.04
CA LYS A 48 -2.70 41.71 6.09
C LYS A 48 -2.18 40.41 6.71
N ALA A 49 -2.34 39.30 6.00
CA ALA A 49 -1.74 38.05 6.44
C ALA A 49 -0.23 38.19 6.37
N THR A 50 0.47 37.55 7.30
CA THR A 50 1.92 37.60 7.34
C THR A 50 2.49 36.24 6.95
N ASN A 51 3.63 36.25 6.24
CA ASN A 51 4.34 35.03 5.84
C ASN A 51 3.62 34.16 4.81
N LEU A 52 2.76 34.78 3.99
CA LEU A 52 2.07 34.05 2.94
C LEU A 52 3.08 33.38 1.99
N GLY A 53 4.17 34.08 1.71
CA GLY A 53 5.31 33.49 1.03
C GLY A 53 5.04 33.07 -0.40
N GLY A 54 4.23 33.86 -1.10
CA GLY A 54 3.98 33.61 -2.52
C GLY A 54 2.89 32.59 -2.79
N ARG A 55 2.36 31.97 -1.74
CA ARG A 55 1.30 30.99 -1.88
C ARG A 55 0.01 31.64 -2.37
N PRO A 56 -0.64 31.02 -3.36
CA PRO A 56 -1.87 31.61 -3.89
C PRO A 56 -3.02 31.52 -2.89
N SER A 57 -3.73 32.63 -2.71
CA SER A 57 -4.91 32.65 -1.85
C SER A 57 -5.88 33.71 -2.31
N LYS A 58 -7.13 33.33 -2.46
CA LYS A 58 -8.16 34.25 -2.90
C LYS A 58 -8.49 35.28 -1.81
N TYR A 59 -8.30 34.88 -0.55
CA TYR A 59 -8.74 35.70 0.59
C TYR A 59 -7.60 36.39 1.34
N LEU A 60 -6.45 35.71 1.44
CA LEU A 60 -5.32 36.21 2.22
C LEU A 60 -4.30 37.01 1.41
N VAL A 61 -4.28 36.78 0.10
CA VAL A 61 -3.36 37.49 -0.78
C VAL A 61 -3.67 38.98 -0.85
N SER A 62 -2.70 39.80 -0.51
CA SER A 62 -2.88 41.25 -0.52
C SER A 62 -2.51 41.84 -1.88
N ASP A 63 -2.76 43.13 -2.05
CA ASP A 63 -2.46 43.81 -3.31
C ASP A 63 -2.00 45.24 -3.06
N THR A 67 -7.45 47.15 1.71
CA THR A 67 -7.80 47.93 2.89
C THR A 67 -8.39 46.97 3.92
N TYR A 68 -8.13 47.22 5.19
CA TYR A 68 -8.60 46.32 6.22
C TYR A 68 -9.45 47.06 7.25
N PRO A 69 -10.50 46.40 7.74
CA PRO A 69 -10.87 45.01 7.40
C PRO A 69 -11.67 44.87 6.11
N GLN A 70 -11.78 43.64 5.60
CA GLN A 70 -12.50 43.41 4.35
C GLN A 70 -13.38 42.16 4.37
N LYS A 71 -14.56 42.26 3.76
CA LYS A 71 -15.58 41.22 3.86
C LYS A 71 -15.55 40.25 2.68
N HIS A 72 -15.87 38.99 2.95
CA HIS A 72 -15.99 37.99 1.89
C HIS A 72 -17.20 37.09 2.09
N SER A 73 -17.80 36.66 1.00
CA SER A 73 -18.75 35.57 1.04
C SER A 73 -18.02 34.27 0.69
N LEU A 74 -18.32 33.21 1.44
CA LEU A 74 -17.68 31.91 1.23
C LEU A 74 -18.69 30.78 1.33
N GLU A 75 -18.71 29.93 0.30
CA GLU A 75 -19.46 28.69 0.40
C GLU A 75 -18.46 27.57 0.60
N MET A 76 -18.63 26.81 1.69
CA MET A 76 -17.74 25.71 2.03
C MET A 76 -17.63 24.71 0.88
N GLY A 77 -16.42 24.23 0.61
CA GLY A 77 -16.21 23.23 -0.42
C GLY A 77 -16.05 23.83 -1.80
N THR A 78 -15.75 25.12 -1.88
CA THR A 78 -15.51 25.76 -3.16
C THR A 78 -14.07 26.26 -3.34
N SER A 79 -13.32 26.34 -2.25
CA SER A 79 -11.95 26.85 -2.30
C SER A 79 -11.02 26.06 -3.25
N LEU A 80 -10.23 26.80 -4.03
CA LEU A 80 -9.41 26.18 -5.07
C LEU A 80 -7.90 26.18 -4.80
N THR A 81 -7.50 26.65 -3.62
CA THR A 81 -6.08 26.62 -3.22
C THR A 81 -5.89 25.94 -1.87
N ALA A 82 -4.65 25.55 -1.58
CA ALA A 82 -4.35 24.85 -0.33
C ALA A 82 -4.70 25.74 0.87
N VAL A 83 -4.19 26.96 0.85
CA VAL A 83 -4.42 27.92 1.91
C VAL A 83 -5.91 28.21 2.13
N ASP A 84 -6.61 28.50 1.05
CA ASP A 84 -8.06 28.75 1.12
C ASP A 84 -8.84 27.55 1.68
N CYS A 85 -8.50 26.35 1.25
CA CYS A 85 -9.17 25.16 1.77
C CYS A 85 -8.98 25.03 3.27
N TYR A 86 -7.80 25.40 3.75
CA TYR A 86 -7.50 25.31 5.18
C TYR A 86 -8.10 26.49 5.92
N LEU A 87 -8.29 27.60 5.22
CA LEU A 87 -9.08 28.71 5.73
C LEU A 87 -10.48 28.26 6.12
N GLU A 88 -11.11 27.47 5.24
CA GLU A 88 -12.45 26.95 5.48
C GLU A 88 -12.53 26.17 6.79
N LEU A 89 -11.59 25.25 7.00
CA LEU A 89 -11.56 24.44 8.22
C LEU A 89 -11.42 25.28 9.48
N LEU A 90 -10.62 26.32 9.43
CA LEU A 90 -10.55 27.26 10.54
C LEU A 90 -11.91 27.92 10.77
N LEU A 91 -12.54 28.38 9.70
CA LEU A 91 -13.83 29.06 9.80
C LEU A 91 -14.90 28.16 10.38
N GLN A 92 -14.82 26.87 10.08
CA GLN A 92 -15.77 25.90 10.63
C GLN A 92 -15.64 25.75 12.14
N GLN A 93 -14.61 26.34 12.71
CA GLN A 93 -14.40 26.32 14.15
C GLN A 93 -14.80 27.61 14.84
N PHE A 94 -15.23 28.61 14.07
CA PHE A 94 -15.70 29.89 14.63
C PHE A 94 -17.18 29.83 15.03
N VAL A 95 -17.55 30.63 16.03
CA VAL A 95 -18.95 30.96 16.29
C VAL A 95 -19.16 32.34 15.68
N PRO A 96 -20.42 32.71 15.39
CA PRO A 96 -20.64 34.03 14.79
C PRO A 96 -20.26 35.16 15.73
N GLY A 97 -19.56 36.16 15.22
CA GLY A 97 -19.14 37.29 16.04
C GLY A 97 -17.76 37.11 16.63
N GLU A 98 -17.18 35.94 16.41
CA GLU A 98 -15.87 35.62 16.97
C GLU A 98 -14.73 36.19 16.13
N THR A 99 -13.72 36.74 16.80
CA THR A 99 -12.49 37.19 16.16
C THR A 99 -11.32 36.39 16.73
N ALA A 100 -10.53 35.78 15.85
CA ALA A 100 -9.46 34.89 16.29
C ALA A 100 -8.16 35.08 15.51
N ALA A 101 -7.04 34.98 16.22
CA ALA A 101 -5.75 34.89 15.57
C ALA A 101 -5.61 33.46 15.03
N CYS A 102 -5.45 33.33 13.72
CA CYS A 102 -5.29 32.02 13.10
C CYS A 102 -3.88 31.82 12.59
N SER A 103 -3.49 30.56 12.42
CA SER A 103 -2.18 30.23 11.87
C SER A 103 -2.23 28.92 11.09
N ILE A 104 -1.42 28.85 10.03
CA ILE A 104 -1.18 27.61 9.30
C ILE A 104 0.32 27.33 9.29
N THR A 105 0.74 26.28 9.98
CA THR A 105 2.16 25.90 9.98
C THR A 105 2.46 24.99 8.78
N THR A 106 3.56 25.27 8.09
CA THR A 106 3.98 24.49 6.93
C THR A 106 4.89 23.31 7.31
N LYS A 107 5.37 22.57 6.32
CA LYS A 107 6.31 21.47 6.58
C LYS A 107 7.67 22.00 7.08
N THR A 108 8.02 23.21 6.66
CA THR A 108 9.29 23.83 7.07
C THR A 108 9.15 24.58 8.39
N GLY A 109 7.99 24.47 9.01
CA GLY A 109 7.79 25.05 10.32
C GLY A 109 7.40 26.52 10.30
N GLU A 110 7.44 27.17 9.14
CA GLU A 110 7.10 28.59 9.04
C GLU A 110 5.58 28.81 9.08
N ARG A 111 5.15 29.87 9.76
CA ARG A 111 3.73 30.08 10.05
C ARG A 111 3.13 31.22 9.26
N ILE A 112 2.05 30.90 8.53
CA ILE A 112 1.23 31.91 7.90
C ILE A 112 0.25 32.36 8.97
N GLU A 113 0.19 33.66 9.23
CA GLU A 113 -0.63 34.19 10.31
C GLU A 113 -1.63 35.23 9.83
N PHE A 114 -2.86 35.10 10.31
CA PHE A 114 -3.94 35.99 9.90
C PHE A 114 -5.02 36.12 10.96
N GLU A 115 -5.79 37.20 10.90
CA GLU A 115 -6.85 37.45 11.88
C GLU A 115 -8.18 37.47 11.15
N LEU A 116 -9.07 36.56 11.53
CA LEU A 116 -10.37 36.47 10.88
C LEU A 116 -11.50 36.78 11.84
N LYS A 117 -12.63 37.18 11.28
CA LYS A 117 -13.84 37.29 12.04
C LYS A 117 -14.99 36.68 11.28
N LEU A 118 -15.74 35.82 11.94
CA LEU A 118 -16.94 35.26 11.33
C LEU A 118 -18.12 36.20 11.61
N GLU A 119 -18.56 36.89 10.55
CA GLU A 119 -19.59 37.90 10.67
C GLU A 119 -20.94 37.26 10.91
N LYS A 120 -21.31 36.34 10.02
CA LYS A 120 -22.51 35.53 10.21
C LYS A 120 -22.53 34.25 9.36
N ILE A 121 -23.50 33.39 9.64
CA ILE A 121 -23.72 32.18 8.89
C ILE A 121 -24.98 32.37 8.05
N VAL A 122 -24.81 32.51 6.74
CA VAL A 122 -25.93 32.80 5.86
C VAL A 122 -26.84 31.59 5.71
N LYS A 123 -26.24 30.42 5.64
CA LYS A 123 -26.98 29.18 5.49
C LYS A 123 -26.20 28.02 6.09
N ASN A 124 -26.82 27.32 7.04
CA ASN A 124 -26.13 26.27 7.78
C ASN A 124 -26.79 24.91 7.58
N THR A 125 -26.95 24.52 6.33
CA THR A 125 -27.54 23.23 5.98
C THR A 125 -26.80 22.08 6.65
N GLN A 126 -27.54 21.07 7.10
CA GLN A 126 -26.92 19.85 7.60
C GLN A 126 -27.05 18.76 6.55
N VAL A 127 -25.99 17.97 6.41
CA VAL A 127 -25.94 16.88 5.44
C VAL A 127 -27.07 15.87 5.67
N GLU A 128 -27.30 15.50 6.93
CA GLU A 128 -28.31 14.52 7.28
C GLU A 128 -29.72 14.90 6.79
N LYS A 129 -29.98 16.20 6.70
CA LYS A 129 -31.28 16.71 6.27
C LYS A 129 -31.52 16.53 4.77
N LEU A 130 -30.45 16.54 4.00
CA LEU A 130 -30.53 16.61 2.55
C LEU A 130 -31.18 15.40 1.89
N SER A 131 -32.01 15.67 0.88
CA SER A 131 -32.57 14.61 0.04
C SER A 131 -31.48 14.06 -0.87
N ALA A 132 -31.77 12.97 -1.56
CA ALA A 132 -30.84 12.40 -2.53
C ALA A 132 -30.54 13.38 -3.67
N ALA A 133 -31.56 14.14 -4.07
CA ALA A 133 -31.40 15.15 -5.12
C ALA A 133 -30.40 16.22 -4.70
N GLU A 134 -30.54 16.71 -3.48
CA GLU A 134 -29.65 17.75 -2.96
C GLU A 134 -28.23 17.25 -2.72
N ILE A 135 -28.12 16.03 -2.21
CA ILE A 135 -26.83 15.36 -2.02
C ILE A 135 -26.08 15.26 -3.35
N TYR A 136 -26.80 14.93 -4.40
CA TYR A 136 -26.22 14.88 -5.75
C TYR A 136 -25.58 16.22 -6.13
N GLU A 137 -26.27 17.32 -5.87
CA GLU A 137 -25.78 18.62 -6.26
C GLU A 137 -24.55 19.01 -5.45
N VAL A 138 -24.53 18.62 -4.17
CA VAL A 138 -23.33 18.78 -3.36
C VAL A 138 -22.17 17.92 -3.85
N ALA A 139 -22.45 16.69 -4.25
CA ALA A 139 -21.41 15.82 -4.80
C ALA A 139 -20.92 16.39 -6.13
N LEU A 140 -21.84 16.94 -6.92
CA LEU A 140 -21.51 17.49 -8.22
C LEU A 140 -20.61 18.71 -8.10
N ARG A 141 -20.88 19.57 -7.13
CA ARG A 141 -20.07 20.76 -6.93
C ARG A 141 -18.69 20.43 -6.36
N LEU A 142 -18.64 19.41 -5.50
CA LEU A 142 -17.37 19.00 -4.91
C LEU A 142 -16.46 18.48 -6.01
N LYS A 143 -16.99 17.65 -6.90
CA LYS A 143 -16.23 17.13 -8.03
C LYS A 143 -15.69 18.27 -8.89
N GLU A 144 -16.48 19.32 -9.06
CA GLU A 144 -16.06 20.46 -9.87
C GLU A 144 -14.83 21.14 -9.27
N SER A 145 -14.83 21.30 -7.95
CA SER A 145 -13.67 21.85 -7.26
C SER A 145 -12.46 20.92 -7.42
N GLY A 146 -12.73 19.62 -7.41
CA GLY A 146 -11.69 18.64 -7.63
C GLY A 146 -11.07 18.81 -9.01
N VAL A 147 -11.93 18.84 -10.02
CA VAL A 147 -11.48 19.06 -11.37
C VAL A 147 -10.70 20.37 -11.52
N ALA A 148 -11.15 21.42 -10.82
CA ALA A 148 -10.54 22.74 -10.94
C ALA A 148 -9.20 22.89 -10.22
N THR A 149 -8.94 22.02 -9.23
CA THR A 149 -7.68 22.02 -8.48
C THR A 149 -6.76 20.86 -8.86
N PHE A 150 -7.10 20.15 -9.93
CA PHE A 150 -6.39 18.94 -10.30
C PHE A 150 -4.90 19.19 -10.60
N LYS A 151 -4.63 20.19 -11.44
CA LYS A 151 -3.25 20.51 -11.81
C LYS A 151 -2.48 21.19 -10.68
N THR A 152 -3.14 22.15 -10.02
CA THR A 152 -2.49 23.04 -9.08
C THR A 152 -2.32 22.47 -7.67
N PHE A 153 -3.26 21.63 -7.25
CA PHE A 153 -3.23 21.05 -5.90
C PHE A 153 -3.86 19.66 -5.87
N PRO A 154 -3.15 18.66 -6.42
CA PRO A 154 -3.67 17.30 -6.60
C PRO A 154 -4.11 16.61 -5.30
N LYS A 155 -3.41 16.83 -4.20
CA LYS A 155 -3.84 16.27 -2.91
C LYS A 155 -5.20 16.79 -2.48
N PHE A 156 -5.42 18.09 -2.65
CA PHE A 156 -6.72 18.70 -2.36
C PHE A 156 -7.77 18.27 -3.38
N ALA A 157 -7.37 18.22 -4.64
CA ALA A 157 -8.23 17.69 -5.69
C ALA A 157 -8.71 16.29 -5.29
N PHE A 158 -7.76 15.45 -4.87
CA PHE A 158 -8.05 14.09 -4.41
C PHE A 158 -9.06 14.10 -3.26
N ASP A 159 -8.78 14.91 -2.25
CA ASP A 159 -9.65 15.01 -1.08
C ASP A 159 -11.08 15.43 -1.48
N TYR A 160 -11.18 16.28 -2.50
CA TYR A 160 -12.49 16.70 -3.01
C TYR A 160 -13.28 15.52 -3.56
N PHE A 161 -12.66 14.76 -4.45
CA PHE A 161 -13.30 13.60 -5.06
C PHE A 161 -13.70 12.57 -4.00
N VAL A 162 -12.83 12.37 -3.01
CA VAL A 162 -13.13 11.46 -1.90
C VAL A 162 -14.38 11.91 -1.16
N ARG A 163 -14.44 13.20 -0.83
CA ARG A 163 -15.60 13.77 -0.14
C ARG A 163 -16.87 13.62 -0.96
N ALA A 164 -16.76 13.84 -2.28
CA ALA A 164 -17.90 13.67 -3.17
C ALA A 164 -18.34 12.20 -3.25
N ALA A 165 -17.37 11.29 -3.32
CA ALA A 165 -17.70 9.87 -3.38
C ALA A 165 -18.39 9.39 -2.11
N LYS A 166 -17.82 9.77 -0.97
CA LYS A 166 -18.35 9.40 0.35
C LYS A 166 -19.81 9.83 0.57
N LEU A 167 -20.16 11.00 0.06
CA LEU A 167 -21.53 11.49 0.14
C LEU A 167 -22.48 10.58 -0.62
N LEU A 168 -22.07 10.19 -1.83
CA LEU A 168 -22.92 9.42 -2.73
C LEU A 168 -23.20 7.97 -2.30
N ILE A 169 -22.21 7.28 -1.75
CA ILE A 169 -22.38 5.87 -1.36
C ILE A 169 -23.37 5.66 -0.22
N THR A 170 -23.85 6.74 0.34
CA THR A 170 -24.83 6.65 1.37
C THR A 170 -26.14 6.23 0.77
N TYR A 171 -26.23 6.29 -0.54
CA TYR A 171 -27.44 5.95 -1.24
C TYR A 171 -27.32 4.71 -2.08
N LYS A 172 -26.28 3.95 -1.88
CA LYS A 172 -26.15 2.70 -2.57
C LYS A 172 -27.20 1.85 -1.94
N PRO A 173 -27.97 1.10 -2.71
CA PRO A 173 -27.82 0.90 -4.14
C PRO A 173 -28.37 2.08 -4.88
N PHE A 174 -28.06 2.20 -6.16
CA PHE A 174 -28.41 3.37 -6.89
C PHE A 174 -29.60 3.04 -7.72
N ASP A 175 -29.81 1.74 -7.86
CA ASP A 175 -30.82 1.14 -8.72
C ASP A 175 -32.21 1.27 -8.11
N LYS A 176 -32.26 1.66 -6.84
CA LYS A 176 -33.53 1.83 -6.13
C LYS A 176 -33.93 3.29 -6.06
N LEU A 177 -33.20 4.14 -6.77
CA LEU A 177 -33.49 5.56 -6.76
C LEU A 177 -34.34 5.96 -7.97
N THR A 178 -35.41 6.71 -7.70
CA THR A 178 -36.24 7.28 -8.74
C THR A 178 -36.47 8.76 -8.49
N LYS A 179 -36.65 9.51 -9.57
CA LYS A 179 -37.05 10.91 -9.51
C LYS A 179 -38.35 11.04 -8.71
N LYS A 180 -39.28 10.14 -9.00
CA LYS A 180 -40.57 10.09 -8.31
C LYS A 180 -40.46 10.03 -6.78
N THR A 181 -39.52 9.25 -6.28
CA THR A 181 -39.39 9.00 -4.84
C THR A 181 -38.33 9.85 -4.15
N ASN A 182 -37.16 9.94 -4.77
CA ASN A 182 -36.00 10.58 -4.16
C ASN A 182 -35.68 11.95 -4.74
N GLY A 183 -36.27 12.25 -5.90
CA GLY A 183 -36.05 13.52 -6.54
C GLY A 183 -35.05 13.40 -7.67
N ILE A 184 -34.32 12.29 -7.67
CA ILE A 184 -33.31 12.08 -8.70
C ILE A 184 -33.24 10.65 -9.25
N ASN A 185 -32.94 10.53 -10.54
CA ASN A 185 -32.76 9.25 -11.20
C ASN A 185 -31.47 8.57 -10.77
N GLY A 186 -31.59 7.32 -10.31
CA GLY A 186 -30.45 6.55 -9.85
C GLY A 186 -29.38 6.35 -10.90
N GLN A 187 -29.73 6.55 -12.16
CA GLN A 187 -28.77 6.42 -13.25
C GLN A 187 -27.80 7.58 -13.27
N ALA A 188 -28.30 8.76 -12.92
CA ALA A 188 -27.46 9.96 -12.85
C ALA A 188 -26.43 9.81 -11.74
N VAL A 189 -26.85 9.25 -10.62
CA VAL A 189 -25.99 9.08 -9.46
C VAL A 189 -24.83 8.10 -9.72
N GLU A 190 -25.11 6.97 -10.33
CA GLU A 190 -24.05 6.03 -10.61
C GLU A 190 -23.18 6.49 -11.73
N GLU A 191 -23.61 7.48 -12.46
CA GLU A 191 -22.78 7.98 -13.51
C GLU A 191 -21.82 9.00 -12.98
N LEU A 192 -22.23 9.70 -11.95
CA LEU A 192 -21.42 10.71 -11.37
C LEU A 192 -20.43 10.05 -10.44
N PHE A 193 -20.82 8.98 -9.80
CA PHE A 193 -19.93 8.20 -8.98
C PHE A 193 -18.80 7.59 -9.80
N ILE A 194 -19.12 7.08 -10.98
CA ILE A 194 -18.13 6.49 -11.87
C ILE A 194 -17.13 7.53 -12.37
N GLN A 195 -17.63 8.73 -12.65
CA GLN A 195 -16.77 9.84 -13.06
C GLN A 195 -15.77 10.22 -11.96
N ILE A 196 -16.23 10.17 -10.72
CA ILE A 196 -15.40 10.49 -9.56
C ILE A 196 -14.31 9.43 -9.37
N GLN A 197 -14.67 8.15 -9.46
CA GLN A 197 -13.70 7.05 -9.39
C GLN A 197 -12.59 7.20 -10.42
N THR A 198 -12.98 7.55 -11.64
CA THR A 198 -12.01 7.83 -12.70
C THR A 198 -11.10 9.02 -12.37
N ASN A 199 -11.66 10.04 -11.73
CA ASN A 199 -10.87 11.21 -11.33
C ASN A 199 -9.83 10.89 -10.26
N LEU A 200 -10.22 10.10 -9.26
CA LEU A 200 -9.31 9.65 -8.21
C LEU A 200 -8.14 8.87 -8.80
N ALA A 201 -8.43 8.05 -9.80
CA ALA A 201 -7.38 7.31 -10.50
C ALA A 201 -6.41 8.28 -11.18
N ALA A 202 -6.95 9.24 -11.91
CA ALA A 202 -6.15 10.27 -12.56
C ALA A 202 -5.27 11.03 -11.56
N CYS A 203 -5.86 11.42 -10.43
CA CYS A 203 -5.15 12.12 -9.36
C CYS A 203 -3.90 11.39 -8.86
N LEU A 204 -4.03 10.09 -8.63
CA LEU A 204 -2.88 9.30 -8.19
C LEU A 204 -1.77 9.38 -9.22
N LEU A 205 -2.12 9.30 -10.49
CA LEU A 205 -1.12 9.40 -11.56
C LEU A 205 -0.50 10.79 -11.59
N GLN A 206 -1.30 11.81 -11.32
CA GLN A 206 -0.83 13.20 -11.32
C GLN A 206 0.17 13.45 -10.19
N GLU A 207 -0.12 12.87 -9.03
CA GLU A 207 0.78 12.96 -7.89
C GLU A 207 2.11 12.25 -8.17
N LYS A 208 2.05 11.12 -8.85
CA LYS A 208 3.27 10.37 -9.21
C LYS A 208 4.16 11.18 -10.13
N ARG A 209 3.55 11.91 -11.04
CA ARG A 209 4.28 12.68 -12.05
C ARG A 209 5.20 13.71 -11.43
N TYR A 210 4.86 14.18 -10.23
CA TYR A 210 5.59 15.26 -9.59
C TYR A 210 6.15 14.91 -8.22
N GLU A 211 6.16 13.63 -7.87
CA GLU A 211 6.65 13.25 -6.55
C GLU A 211 8.14 13.51 -6.41
N HIS A 212 8.86 13.46 -7.52
CA HIS A 212 10.30 13.69 -7.53
C HIS A 212 10.68 15.07 -8.05
N VAL A 213 9.70 15.97 -8.09
CA VAL A 213 9.95 17.37 -8.42
C VAL A 213 9.89 18.17 -7.13
N ILE A 214 10.92 18.96 -6.86
CA ILE A 214 11.05 19.63 -5.57
C ILE A 214 10.19 20.89 -5.46
N TYR A 215 9.80 21.22 -4.24
CA TYR A 215 8.92 22.35 -3.99
C TYR A 215 9.67 23.67 -4.06
N ASP B 6 32.40 21.43 -31.22
CA ASP B 6 32.75 20.01 -31.23
C ASP B 6 31.55 19.08 -31.25
N TRP B 7 30.55 19.41 -32.06
CA TRP B 7 29.29 18.64 -32.15
C TRP B 7 28.55 18.52 -30.82
N TYR B 8 29.30 18.36 -29.73
CA TYR B 8 28.79 18.17 -28.39
C TYR B 8 28.06 19.41 -27.88
N VAL B 9 28.60 20.59 -28.16
CA VAL B 9 27.93 21.84 -27.78
C VAL B 9 26.51 21.89 -28.31
N GLY B 10 25.58 22.36 -27.47
CA GLY B 10 24.18 22.40 -27.84
C GLY B 10 23.47 21.09 -27.53
N THR B 11 24.23 20.05 -27.21
CA THR B 11 23.59 18.80 -26.82
C THR B 11 22.78 19.04 -25.56
N GLU B 12 21.61 18.39 -25.48
CA GLU B 12 20.74 18.58 -24.33
C GLU B 12 20.50 17.28 -23.62
N TRP B 13 20.24 17.33 -22.33
CA TRP B 13 19.95 16.13 -21.58
C TRP B 13 18.85 16.56 -20.73
N GLU B 14 18.10 15.62 -20.21
CA GLU B 14 16.92 15.96 -19.47
C GLU B 14 16.54 14.80 -18.62
N ASP B 15 15.97 15.07 -17.47
CA ASP B 15 15.30 14.06 -16.73
C ASP B 15 14.00 14.65 -16.29
N LYS B 16 12.98 14.40 -17.09
CA LYS B 16 11.67 15.03 -16.97
C LYS B 16 11.00 14.70 -15.64
N ASN B 17 11.35 13.54 -15.07
CA ASN B 17 10.78 13.12 -13.80
C ASN B 17 11.17 13.99 -12.59
N ARG B 18 12.28 14.72 -12.72
CA ARG B 18 12.79 15.53 -11.62
C ARG B 18 12.89 17.00 -12.00
N GLY B 19 12.51 17.32 -13.23
CA GLY B 19 12.58 18.69 -13.69
C GLY B 19 14.01 19.13 -13.86
N LEU B 20 14.86 18.20 -14.28
CA LEU B 20 16.26 18.48 -14.49
C LEU B 20 16.53 18.66 -15.97
N ALA B 21 17.29 19.69 -16.32
CA ALA B 21 17.71 19.89 -17.71
C ALA B 21 19.13 20.44 -17.78
N LYS B 22 19.76 20.24 -18.93
CA LYS B 22 21.16 20.62 -19.13
C LYS B 22 21.45 20.87 -20.60
N LYS B 23 21.95 22.06 -20.92
CA LYS B 23 22.40 22.35 -22.28
C LYS B 23 23.87 22.75 -22.29
N VAL B 24 24.67 22.03 -23.07
CA VAL B 24 26.10 22.30 -23.17
C VAL B 24 26.37 23.58 -23.94
N ILE B 25 27.28 24.37 -23.41
CA ILE B 25 27.62 25.60 -24.06
C ILE B 25 29.08 25.64 -24.35
N GLY B 26 29.85 24.75 -23.74
CA GLY B 26 31.27 24.77 -23.96
C GLY B 26 32.01 23.53 -23.57
N LEU B 27 33.05 23.22 -24.30
CA LEU B 27 33.81 22.06 -23.97
C LEU B 27 35.28 22.25 -24.20
N GLN B 28 36.07 21.82 -23.24
CA GLN B 28 37.49 21.76 -23.38
C GLN B 28 37.86 20.32 -23.22
N PHE B 29 37.64 19.57 -24.28
CA PHE B 29 37.64 18.11 -24.27
C PHE B 29 38.90 17.46 -23.72
N THR B 30 38.72 16.37 -22.99
CA THR B 30 39.84 15.59 -22.47
C THR B 30 39.54 14.11 -22.63
N GLU B 31 38.35 13.69 -22.19
CA GLU B 31 37.87 12.33 -22.34
C GLU B 31 36.36 12.45 -22.17
N MET B 32 35.63 11.37 -22.45
CA MET B 32 34.16 11.45 -22.35
C MET B 32 33.62 10.66 -21.17
N ASP B 33 34.50 10.37 -20.21
CA ASP B 33 34.11 9.73 -18.98
C ASP B 33 33.08 10.58 -18.23
N LYS B 34 32.07 9.93 -17.68
CA LYS B 34 31.08 10.62 -16.85
C LYS B 34 31.30 10.20 -15.41
N PRO B 35 31.04 11.11 -14.47
CA PRO B 35 31.20 10.76 -13.06
C PRO B 35 30.19 9.69 -12.68
N THR B 36 30.63 8.69 -11.92
CA THR B 36 29.74 7.67 -11.39
C THR B 36 29.00 8.22 -10.17
N ILE B 37 28.18 7.39 -9.56
CA ILE B 37 27.38 7.80 -8.40
C ILE B 37 28.15 7.73 -7.08
N ILE B 38 29.41 7.34 -7.13
CA ILE B 38 30.28 7.35 -5.95
C ILE B 38 31.60 8.06 -6.25
N SER B 39 31.58 8.94 -7.24
CA SER B 39 32.77 9.66 -7.64
C SER B 39 33.00 10.93 -6.82
N THR B 40 34.25 11.39 -6.81
CA THR B 40 34.58 12.69 -6.25
C THR B 40 34.99 13.57 -7.42
N VAL B 41 34.47 14.79 -7.46
CA VAL B 41 34.75 15.68 -8.58
C VAL B 41 35.09 17.09 -8.12
N GLU B 42 35.60 17.88 -9.05
CA GLU B 42 35.78 19.30 -8.81
C GLU B 42 35.03 20.07 -9.87
N PHE B 43 34.25 21.05 -9.43
CA PHE B 43 33.45 21.83 -10.34
C PHE B 43 33.42 23.29 -9.93
N SER B 44 33.07 24.15 -10.86
CA SER B 44 32.91 25.55 -10.58
C SER B 44 31.48 26.00 -10.86
N VAL B 45 30.99 26.92 -10.04
CA VAL B 45 29.79 27.66 -10.37
C VAL B 45 30.28 28.94 -11.00
N ASN B 46 29.87 29.19 -12.24
CA ASN B 46 30.38 30.32 -13.00
C ASN B 46 29.81 31.68 -12.61
N LYS B 47 28.52 31.70 -12.28
CA LYS B 47 27.87 32.92 -11.84
C LYS B 47 26.78 32.66 -10.81
N LYS B 48 26.13 33.73 -10.34
CA LYS B 48 25.10 33.62 -9.32
C LYS B 48 23.96 32.79 -9.89
N ALA B 49 23.47 31.82 -9.12
CA ALA B 49 22.28 31.09 -9.50
C ALA B 49 21.09 32.04 -9.43
N THR B 50 20.13 31.84 -10.33
CA THR B 50 18.96 32.70 -10.40
C THR B 50 17.72 31.95 -9.91
N ASN B 51 16.84 32.65 -9.19
CA ASN B 51 15.56 32.09 -8.70
C ASN B 51 15.70 30.97 -7.66
N LEU B 52 16.79 31.00 -6.90
CA LEU B 52 17.00 30.01 -5.83
C LEU B 52 15.94 30.17 -4.75
N GLY B 53 15.48 31.41 -4.56
CA GLY B 53 14.33 31.70 -3.72
C GLY B 53 14.44 31.29 -2.27
N GLY B 54 15.65 31.28 -1.73
CA GLY B 54 15.81 30.97 -0.32
C GLY B 54 15.87 29.49 -0.02
N ARG B 55 15.76 28.65 -1.04
CA ARG B 55 16.04 27.22 -0.88
C ARG B 55 17.51 27.08 -0.54
N PRO B 56 17.82 26.30 0.51
CA PRO B 56 19.21 26.19 0.96
C PRO B 56 20.04 25.37 -0.02
N SER B 57 21.32 25.72 -0.13
CA SER B 57 22.22 25.05 -1.07
C SER B 57 23.63 25.38 -0.69
N LYS B 58 24.44 24.34 -0.48
CA LYS B 58 25.84 24.51 -0.12
C LYS B 58 26.62 25.21 -1.23
N TYR B 59 26.18 25.02 -2.46
CA TYR B 59 26.94 25.48 -3.63
C TYR B 59 26.33 26.67 -4.37
N LEU B 60 25.02 26.81 -4.28
CA LEU B 60 24.31 27.83 -5.05
C LEU B 60 23.95 29.10 -4.26
N VAL B 61 23.99 29.02 -2.93
CA VAL B 61 23.78 30.20 -2.09
C VAL B 61 24.89 31.20 -2.36
N SER B 62 24.52 32.47 -2.47
CA SER B 62 25.43 33.52 -2.90
C SER B 62 25.27 34.78 -2.05
N ASP B 63 26.26 35.05 -1.21
CA ASP B 63 26.31 36.31 -0.50
C ASP B 63 26.93 37.38 -1.38
N GLU B 64 27.26 38.54 -0.82
CA GLU B 64 27.88 39.61 -1.58
C GLU B 64 29.33 39.27 -1.89
N SER B 65 29.98 38.59 -0.94
CA SER B 65 31.36 38.15 -1.07
C SER B 65 31.47 36.95 -2.00
N ALA B 66 30.38 36.62 -2.68
CA ALA B 66 30.38 35.50 -3.60
C ALA B 66 31.00 35.99 -4.90
N THR B 67 32.29 35.69 -5.06
CA THR B 67 33.07 36.19 -6.17
C THR B 67 33.34 35.04 -7.11
N TYR B 68 32.62 35.07 -8.23
CA TYR B 68 32.61 33.98 -9.19
C TYR B 68 33.76 34.11 -10.18
N PRO B 69 34.20 32.99 -10.78
CA PRO B 69 33.72 31.63 -10.50
C PRO B 69 34.28 31.03 -9.22
N GLN B 70 33.55 30.09 -8.63
CA GLN B 70 33.95 29.44 -7.40
C GLN B 70 34.13 27.95 -7.57
N LYS B 71 35.26 27.44 -7.10
CA LYS B 71 35.60 26.03 -7.24
C LYS B 71 35.05 25.27 -6.04
N HIS B 72 34.58 24.04 -6.27
CA HIS B 72 34.09 23.22 -5.16
C HIS B 72 34.55 21.78 -5.29
N SER B 73 34.74 21.13 -4.14
CA SER B 73 34.96 19.69 -4.11
C SER B 73 33.64 19.02 -3.73
N LEU B 74 33.26 18.00 -4.49
CA LEU B 74 32.01 17.28 -4.25
C LEU B 74 32.23 15.78 -4.31
N GLU B 75 31.88 15.09 -3.24
CA GLU B 75 31.80 13.63 -3.27
C GLU B 75 30.34 13.22 -3.35
N MET B 76 29.98 12.53 -4.44
CA MET B 76 28.62 12.01 -4.65
C MET B 76 28.07 11.31 -3.42
N GLY B 77 26.81 11.60 -3.09
CA GLY B 77 26.15 10.97 -1.94
C GLY B 77 26.38 11.66 -0.61
N THR B 78 26.86 12.90 -0.65
CA THR B 78 27.11 13.65 0.58
C THR B 78 26.24 14.90 0.74
N SER B 79 25.59 15.31 -0.34
CA SER B 79 24.75 16.50 -0.31
C SER B 79 23.58 16.38 0.68
N LEU B 80 23.20 17.50 1.28
CA LEU B 80 22.22 17.51 2.36
C LEU B 80 21.04 18.44 2.13
N THR B 81 20.90 18.96 0.91
CA THR B 81 19.73 19.74 0.55
C THR B 81 19.16 19.22 -0.76
N ALA B 82 17.92 19.59 -1.06
CA ALA B 82 17.26 19.07 -2.26
C ALA B 82 17.96 19.57 -3.52
N VAL B 83 18.28 20.85 -3.55
CA VAL B 83 19.01 21.45 -4.67
C VAL B 83 20.37 20.79 -4.88
N ASP B 84 21.12 20.58 -3.79
CA ASP B 84 22.45 19.98 -3.91
C ASP B 84 22.41 18.54 -4.40
N CYS B 85 21.41 17.78 -3.96
CA CYS B 85 21.27 16.38 -4.39
C CYS B 85 20.94 16.29 -5.88
N TYR B 86 20.14 17.22 -6.37
CA TYR B 86 19.82 17.26 -7.78
C TYR B 86 20.95 17.88 -8.60
N LEU B 87 21.77 18.70 -7.94
CA LEU B 87 22.99 19.21 -8.56
C LEU B 87 23.93 18.05 -8.84
N GLU B 88 24.10 17.17 -7.85
CA GLU B 88 24.87 15.93 -8.04
C GLU B 88 24.44 15.16 -9.29
N LEU B 89 23.13 15.02 -9.48
CA LEU B 89 22.59 14.32 -10.65
C LEU B 89 22.97 14.97 -11.96
N LEU B 90 22.94 16.29 -12.00
CA LEU B 90 23.32 17.04 -13.20
C LEU B 90 24.80 16.85 -13.53
N LEU B 91 25.65 16.96 -12.51
CA LEU B 91 27.10 16.78 -12.69
C LEU B 91 27.46 15.37 -13.17
N GLN B 92 26.61 14.40 -12.89
CA GLN B 92 26.86 13.04 -13.35
C GLN B 92 26.63 12.89 -14.85
N GLN B 93 26.06 13.93 -15.46
CA GLN B 93 25.86 13.96 -16.91
C GLN B 93 26.90 14.80 -17.64
N PHE B 94 27.88 15.32 -16.90
CA PHE B 94 28.95 16.12 -17.50
C PHE B 94 30.15 15.25 -17.91
N VAL B 95 30.94 15.76 -18.85
CA VAL B 95 32.26 15.20 -19.14
C VAL B 95 33.27 16.24 -18.64
N PRO B 96 34.51 15.83 -18.34
CA PRO B 96 35.49 16.81 -17.87
C PRO B 96 35.71 17.93 -18.87
N GLY B 97 35.77 19.17 -18.41
CA GLY B 97 35.94 20.31 -19.29
C GLY B 97 34.63 20.81 -19.89
N GLU B 98 33.52 20.19 -19.47
CA GLU B 98 32.21 20.60 -19.97
C GLU B 98 31.62 21.76 -19.17
N THR B 99 31.05 22.70 -19.90
CA THR B 99 30.36 23.82 -19.28
C THR B 99 28.95 23.77 -19.83
N ALA B 100 27.96 23.75 -18.94
CA ALA B 100 26.57 23.62 -19.35
C ALA B 100 25.65 24.56 -18.60
N ALA B 101 24.52 24.88 -19.22
CA ALA B 101 23.47 25.64 -18.55
C ALA B 101 22.47 24.67 -17.95
N CYS B 102 22.31 24.72 -16.63
CA CYS B 102 21.44 23.80 -15.94
C CYS B 102 20.17 24.49 -15.46
N SER B 103 19.13 23.70 -15.26
CA SER B 103 17.88 24.20 -14.72
C SER B 103 17.33 23.14 -13.79
N ILE B 104 16.63 23.58 -12.75
CA ILE B 104 15.85 22.69 -11.91
C ILE B 104 14.47 23.31 -11.83
N THR B 105 13.49 22.67 -12.43
CA THR B 105 12.13 23.19 -12.37
C THR B 105 11.46 22.70 -11.09
N THR B 106 10.75 23.59 -10.41
CA THR B 106 10.05 23.24 -9.17
C THR B 106 8.60 22.90 -9.47
N LYS B 107 7.86 22.51 -8.43
CA LYS B 107 6.47 22.09 -8.58
C LYS B 107 5.58 23.17 -9.18
N THR B 108 5.87 24.41 -8.84
CA THR B 108 5.06 25.54 -9.29
C THR B 108 5.53 26.08 -10.63
N GLY B 109 6.55 25.45 -11.21
CA GLY B 109 7.06 25.85 -12.51
C GLY B 109 8.22 26.84 -12.42
N GLU B 110 8.50 27.32 -11.22
CA GLU B 110 9.67 28.16 -11.00
C GLU B 110 10.94 27.46 -11.48
N ARG B 111 11.78 28.19 -12.21
CA ARG B 111 13.01 27.63 -12.74
C ARG B 111 14.25 28.17 -12.05
N ILE B 112 14.99 27.28 -11.40
CA ILE B 112 16.28 27.63 -10.83
C ILE B 112 17.34 27.39 -11.90
N GLU B 113 18.01 28.46 -12.32
CA GLU B 113 19.00 28.36 -13.40
C GLU B 113 20.38 28.70 -12.88
N PHE B 114 21.37 27.95 -13.37
CA PHE B 114 22.76 28.13 -12.97
C PHE B 114 23.68 27.51 -13.99
N GLU B 115 24.93 27.94 -14.00
CA GLU B 115 25.88 27.50 -15.02
C GLU B 115 27.07 26.79 -14.37
N LEU B 116 27.30 25.55 -14.77
CA LEU B 116 28.31 24.72 -14.13
C LEU B 116 29.44 24.38 -15.08
N LYS B 117 30.60 24.08 -14.52
CA LYS B 117 31.70 23.51 -15.28
C LYS B 117 32.31 22.37 -14.48
N LEU B 118 32.46 21.21 -15.12
CA LEU B 118 33.12 20.07 -14.49
C LEU B 118 34.62 20.18 -14.70
N GLU B 119 35.32 20.66 -13.68
CA GLU B 119 36.75 20.92 -13.79
C GLU B 119 37.60 19.67 -13.95
N LYS B 120 37.21 18.58 -13.29
CA LYS B 120 37.97 17.41 -13.30
C LYS B 120 37.28 16.38 -12.48
N ILE B 121 37.59 15.13 -12.76
CA ILE B 121 37.10 14.00 -11.98
C ILE B 121 38.25 13.46 -11.15
N VAL B 122 38.19 13.67 -9.84
CA VAL B 122 39.26 13.28 -8.93
C VAL B 122 39.35 11.77 -8.78
N LYS B 123 38.20 11.14 -8.71
CA LYS B 123 38.10 9.71 -8.45
C LYS B 123 36.81 9.16 -9.04
N ASN B 124 36.92 8.23 -9.99
CA ASN B 124 35.72 7.68 -10.63
C ASN B 124 35.56 6.21 -10.34
N THR B 125 35.26 5.90 -9.08
CA THR B 125 35.14 4.53 -8.60
C THR B 125 33.89 3.86 -9.17
N GLN B 126 34.01 2.61 -9.56
CA GLN B 126 32.84 1.82 -9.94
C GLN B 126 32.42 0.94 -8.77
N VAL B 127 31.12 0.88 -8.52
CA VAL B 127 30.55 0.10 -7.43
C VAL B 127 30.92 -1.38 -7.57
N GLU B 128 30.89 -1.86 -8.81
CA GLU B 128 31.14 -3.27 -9.12
C GLU B 128 32.52 -3.77 -8.68
N LYS B 129 33.52 -2.90 -8.75
CA LYS B 129 34.90 -3.29 -8.41
C LYS B 129 35.15 -3.25 -6.91
N LEU B 130 34.16 -2.83 -6.13
CA LEU B 130 34.35 -2.64 -4.70
C LEU B 130 34.28 -3.95 -3.91
N SER B 131 35.11 -4.07 -2.88
CA SER B 131 35.01 -5.19 -1.97
C SER B 131 33.81 -4.98 -1.06
N ALA B 132 33.48 -6.00 -0.28
CA ALA B 132 32.41 -5.88 0.71
C ALA B 132 32.74 -4.79 1.73
N ALA B 133 34.02 -4.63 2.03
CA ALA B 133 34.43 -3.67 3.05
C ALA B 133 34.23 -2.24 2.56
N GLU B 134 34.52 -2.00 1.29
CA GLU B 134 34.37 -0.68 0.71
C GLU B 134 32.90 -0.35 0.42
N ILE B 135 32.14 -1.36 0.02
CA ILE B 135 30.69 -1.23 -0.16
C ILE B 135 30.05 -0.83 1.17
N TYR B 136 30.56 -1.41 2.25
CA TYR B 136 30.10 -1.09 3.60
C TYR B 136 30.31 0.38 3.91
N GLU B 137 31.49 0.90 3.55
CA GLU B 137 31.83 2.28 3.87
C GLU B 137 30.98 3.26 3.08
N VAL B 138 30.66 2.89 1.84
CA VAL B 138 29.74 3.68 1.01
C VAL B 138 28.34 3.72 1.63
N ALA B 139 27.81 2.56 1.98
CA ALA B 139 26.49 2.46 2.59
C ALA B 139 26.45 3.24 3.90
N LEU B 140 27.52 3.12 4.68
CA LEU B 140 27.68 3.81 5.95
C LEU B 140 27.57 5.32 5.76
N ARG B 141 28.21 5.83 4.71
CA ARG B 141 28.16 7.27 4.40
C ARG B 141 26.78 7.70 3.92
N LEU B 142 26.14 6.85 3.11
CA LEU B 142 24.80 7.13 2.62
C LEU B 142 23.79 7.20 3.77
N LYS B 143 23.91 6.27 4.71
CA LYS B 143 23.07 6.29 5.92
C LYS B 143 23.31 7.58 6.69
N GLU B 144 24.55 8.04 6.68
CA GLU B 144 24.93 9.28 7.35
C GLU B 144 24.25 10.49 6.75
N SER B 145 24.23 10.55 5.42
CA SER B 145 23.52 11.64 4.74
C SER B 145 22.02 11.59 5.04
N GLY B 146 21.48 10.37 5.13
CA GLY B 146 20.08 10.17 5.46
C GLY B 146 19.70 10.71 6.82
N VAL B 147 20.51 10.39 7.81
CA VAL B 147 20.31 10.88 9.17
C VAL B 147 20.36 12.41 9.24
N ALA B 148 21.23 13.00 8.44
CA ALA B 148 21.38 14.46 8.41
C ALA B 148 20.27 15.23 7.68
N THR B 149 19.57 14.55 6.77
CA THR B 149 18.45 15.15 6.01
C THR B 149 17.08 14.69 6.48
N PHE B 150 17.03 13.97 7.60
CA PHE B 150 15.78 13.39 8.08
C PHE B 150 14.71 14.45 8.33
N LYS B 151 15.06 15.50 9.06
CA LYS B 151 14.10 16.56 9.38
C LYS B 151 13.89 17.53 8.22
N THR B 152 14.99 17.95 7.61
CA THR B 152 14.97 19.01 6.62
C THR B 152 14.43 18.55 5.27
N PHE B 153 14.77 17.33 4.88
CA PHE B 153 14.35 16.80 3.58
C PHE B 153 14.04 15.31 3.64
N PRO B 154 12.92 14.95 4.29
CA PRO B 154 12.55 13.55 4.56
C PRO B 154 12.54 12.68 3.31
N LYS B 155 12.14 13.23 2.18
CA LYS B 155 12.11 12.47 0.93
C LYS B 155 13.51 12.02 0.50
N PHE B 156 14.47 12.94 0.57
CA PHE B 156 15.85 12.62 0.22
C PHE B 156 16.53 11.74 1.27
N ALA B 157 16.12 11.89 2.52
CA ALA B 157 16.63 11.02 3.57
C ALA B 157 16.22 9.59 3.28
N PHE B 158 14.94 9.43 2.94
CA PHE B 158 14.40 8.12 2.60
C PHE B 158 15.16 7.49 1.43
N ASP B 159 15.44 8.28 0.41
CA ASP B 159 16.16 7.79 -0.76
C ASP B 159 17.59 7.36 -0.40
N TYR B 160 18.17 8.02 0.61
CA TYR B 160 19.52 7.69 1.04
C TYR B 160 19.56 6.32 1.69
N PHE B 161 18.61 6.10 2.60
CA PHE B 161 18.48 4.83 3.30
C PHE B 161 18.23 3.65 2.34
N VAL B 162 17.36 3.86 1.36
CA VAL B 162 17.06 2.85 0.36
C VAL B 162 18.29 2.47 -0.48
N ARG B 163 19.06 3.48 -0.90
CA ARG B 163 20.30 3.24 -1.63
C ARG B 163 21.32 2.47 -0.80
N ALA B 164 21.42 2.82 0.48
CA ALA B 164 22.34 2.12 1.37
C ALA B 164 21.90 0.67 1.53
N ALA B 165 20.63 0.47 1.83
CA ALA B 165 20.08 -0.87 2.03
C ALA B 165 20.26 -1.79 0.81
N LYS B 166 20.08 -1.23 -0.39
CA LYS B 166 20.22 -2.00 -1.63
C LYS B 166 21.66 -2.44 -1.85
N LEU B 167 22.59 -1.57 -1.48
CA LEU B 167 24.01 -1.89 -1.56
C LEU B 167 24.32 -3.13 -0.73
N LEU B 168 23.72 -3.20 0.46
CA LEU B 168 24.05 -4.23 1.43
C LEU B 168 23.45 -5.61 1.13
N ILE B 169 22.18 -5.64 0.74
CA ILE B 169 21.47 -6.93 0.54
C ILE B 169 22.12 -7.80 -0.53
N THR B 170 22.98 -7.19 -1.34
CA THR B 170 23.83 -7.91 -2.28
C THR B 170 24.58 -9.05 -1.57
N TYR B 171 25.03 -8.79 -0.35
CA TYR B 171 25.80 -9.75 0.44
C TYR B 171 24.94 -10.58 1.38
N LYS B 172 23.86 -11.18 0.88
CA LYS B 172 22.98 -11.97 1.74
C LYS B 172 23.08 -13.47 1.45
N PRO B 173 23.22 -14.28 2.52
CA PRO B 173 23.22 -13.93 3.94
C PRO B 173 24.49 -13.23 4.36
N PHE B 174 24.45 -12.59 5.52
CA PHE B 174 25.57 -11.81 6.03
C PHE B 174 26.58 -12.63 6.84
N ASP B 175 26.18 -13.84 7.24
CA ASP B 175 27.04 -14.71 8.04
C ASP B 175 28.28 -15.21 7.28
N LYS B 176 28.10 -15.56 6.01
CA LYS B 176 29.19 -16.12 5.19
C LYS B 176 30.37 -15.17 5.02
N LEU B 177 30.15 -13.89 5.28
CA LEU B 177 31.21 -12.89 5.21
C LEU B 177 32.21 -13.07 6.35
N THR B 178 33.49 -13.05 6.00
CA THR B 178 34.57 -13.00 6.98
C THR B 178 35.56 -11.91 6.59
N LYS B 179 36.30 -11.43 7.57
CA LYS B 179 37.29 -10.38 7.38
C LYS B 179 38.39 -10.83 6.39
N LYS B 180 38.67 -12.12 6.39
CA LYS B 180 39.70 -12.68 5.51
C LYS B 180 39.33 -12.63 4.03
N THR B 181 38.21 -13.26 3.68
CA THR B 181 37.76 -13.33 2.30
C THR B 181 37.22 -11.99 1.79
N ASN B 182 36.58 -11.23 2.69
CA ASN B 182 35.84 -10.03 2.27
C ASN B 182 36.37 -8.69 2.79
N GLY B 183 37.16 -8.73 3.85
CA GLY B 183 37.67 -7.50 4.44
C GLY B 183 36.78 -6.97 5.55
N ILE B 184 35.65 -7.65 5.76
CA ILE B 184 34.65 -7.18 6.71
C ILE B 184 33.96 -8.33 7.43
N ASN B 185 33.70 -8.15 8.72
CA ASN B 185 32.92 -9.11 9.48
C ASN B 185 31.44 -8.96 9.10
N GLY B 186 30.73 -10.07 9.00
CA GLY B 186 29.31 -10.03 8.70
C GLY B 186 28.51 -9.39 9.84
N GLN B 187 29.11 -9.36 11.02
CA GLN B 187 28.46 -8.79 12.18
C GLN B 187 28.22 -7.29 11.98
N ALA B 188 29.24 -6.62 11.46
CA ALA B 188 29.17 -5.18 11.25
C ALA B 188 28.19 -4.84 10.14
N VAL B 189 28.18 -5.66 9.10
CA VAL B 189 27.25 -5.44 8.00
C VAL B 189 25.80 -5.62 8.48
N GLU B 190 25.57 -6.64 9.30
CA GLU B 190 24.23 -6.88 9.83
C GLU B 190 23.81 -5.69 10.69
N GLU B 191 24.77 -5.14 11.42
CA GLU B 191 24.50 -4.06 12.36
C GLU B 191 24.10 -2.79 11.62
N LEU B 192 24.84 -2.50 10.56
CA LEU B 192 24.55 -1.32 9.74
C LEU B 192 23.19 -1.46 9.07
N PHE B 193 22.88 -2.67 8.60
CA PHE B 193 21.60 -2.94 7.95
C PHE B 193 20.40 -2.74 8.87
N ILE B 194 20.56 -3.16 10.12
CA ILE B 194 19.47 -3.02 11.08
C ILE B 194 19.21 -1.55 11.37
N GLN B 195 20.27 -0.74 11.38
CA GLN B 195 20.14 0.69 11.60
C GLN B 195 19.48 1.42 10.43
N ILE B 196 19.69 0.92 9.23
CA ILE B 196 19.04 1.48 8.05
C ILE B 196 17.55 1.16 8.08
N GLN B 197 17.21 -0.06 8.51
CA GLN B 197 15.81 -0.46 8.65
C GLN B 197 15.03 0.40 9.65
N THR B 198 15.64 0.68 10.79
CA THR B 198 15.05 1.55 11.80
C THR B 198 14.76 2.94 11.23
N ASN B 199 15.72 3.48 10.49
CA ASN B 199 15.57 4.81 9.92
C ASN B 199 14.47 4.86 8.85
N LEU B 200 14.43 3.86 7.99
CA LEU B 200 13.33 3.71 7.02
C LEU B 200 11.98 3.74 7.72
N ALA B 201 11.86 3.02 8.84
CA ALA B 201 10.62 3.02 9.61
C ALA B 201 10.35 4.40 10.17
N ALA B 202 11.39 5.04 10.68
CA ALA B 202 11.25 6.40 11.21
C ALA B 202 10.81 7.36 10.11
N CYS B 203 11.31 7.15 8.89
CA CYS B 203 10.94 7.98 7.75
C CYS B 203 9.45 7.88 7.45
N LEU B 204 8.93 6.66 7.43
CA LEU B 204 7.53 6.43 7.15
C LEU B 204 6.66 7.13 8.19
N LEU B 205 6.99 6.91 9.46
CA LEU B 205 6.27 7.56 10.56
C LEU B 205 6.27 9.08 10.42
N GLN B 206 7.39 9.64 9.97
CA GLN B 206 7.48 11.08 9.75
C GLN B 206 6.61 11.49 8.57
N GLU B 207 6.72 10.74 7.48
CA GLU B 207 5.96 11.04 6.27
C GLU B 207 4.46 11.03 6.52
N LYS B 208 4.03 10.18 7.44
CA LYS B 208 2.61 9.97 7.72
C LYS B 208 1.99 11.06 8.58
N ARG B 209 2.86 11.70 9.32
CA ARG B 209 2.46 12.70 10.23
C ARG B 209 2.62 14.09 9.68
N TYR B 210 3.12 14.24 8.46
CA TYR B 210 3.20 15.57 7.90
C TYR B 210 2.58 15.61 6.53
N GLU B 211 1.77 14.63 6.21
CA GLU B 211 1.21 14.51 4.86
C GLU B 211 0.08 15.50 4.58
N HIS B 212 -0.72 15.80 5.60
CA HIS B 212 -1.82 16.75 5.48
C HIS B 212 -1.37 18.16 5.84
N VAL B 213 -0.05 18.37 5.85
CA VAL B 213 0.51 19.68 6.18
C VAL B 213 1.12 20.34 4.94
N ILE B 214 0.54 21.46 4.53
CA ILE B 214 1.03 22.18 3.36
C ILE B 214 2.36 22.86 3.65
N TYR B 215 3.01 23.35 2.59
CA TYR B 215 4.29 24.03 2.74
C TYR B 215 4.44 25.16 1.73
N ASP C 6 34.06 8.10 -32.48
CA ASP C 6 34.95 6.92 -32.44
C ASP C 6 35.49 6.61 -31.06
N TRP C 7 35.30 7.52 -30.13
CA TRP C 7 35.63 7.32 -28.75
C TRP C 7 34.53 6.43 -28.22
N TYR C 8 33.48 6.36 -29.02
CA TYR C 8 32.21 5.75 -28.69
C TYR C 8 32.24 4.23 -28.75
N VAL C 9 33.19 3.67 -29.48
CA VAL C 9 33.33 2.23 -29.55
C VAL C 9 33.91 1.74 -28.23
N GLY C 10 33.25 0.75 -27.63
CA GLY C 10 33.66 0.25 -26.33
C GLY C 10 32.81 0.85 -25.22
N THR C 11 32.02 1.85 -25.56
CA THR C 11 31.12 2.50 -24.61
C THR C 11 30.03 1.54 -24.13
N GLU C 12 29.67 1.64 -22.85
CA GLU C 12 28.68 0.76 -22.27
C GLU C 12 27.44 1.49 -21.76
N TRP C 13 26.34 0.75 -21.70
CA TRP C 13 25.09 1.24 -21.16
C TRP C 13 24.47 0.14 -20.32
N GLU C 14 23.87 0.50 -19.20
CA GLU C 14 23.26 -0.50 -18.31
C GLU C 14 21.93 -0.05 -17.72
N ASP C 15 20.98 -0.97 -17.69
CA ASP C 15 19.74 -0.78 -16.96
C ASP C 15 19.67 -1.93 -15.95
N LYS C 16 20.29 -1.72 -14.79
CA LYS C 16 20.40 -2.76 -13.77
C LYS C 16 19.06 -3.30 -13.31
N ASN C 17 18.04 -2.46 -13.32
CA ASN C 17 16.72 -2.88 -12.84
C ASN C 17 16.02 -3.87 -13.77
N ARG C 18 16.28 -3.77 -15.06
CA ARG C 18 15.67 -4.67 -16.04
C ARG C 18 16.61 -5.77 -16.50
N GLY C 19 17.85 -5.73 -16.02
CA GLY C 19 18.86 -6.68 -16.45
C GLY C 19 19.34 -6.45 -17.87
N LEU C 20 19.35 -5.19 -18.28
CA LEU C 20 19.73 -4.85 -19.64
C LEU C 20 21.14 -4.27 -19.65
N ALA C 21 21.92 -4.66 -20.64
CA ALA C 21 23.27 -4.12 -20.84
C ALA C 21 23.61 -4.11 -22.33
N LYS C 22 24.40 -3.13 -22.74
CA LYS C 22 24.75 -2.95 -24.14
C LYS C 22 26.18 -2.44 -24.25
N LYS C 23 26.96 -3.02 -25.16
CA LYS C 23 28.31 -2.55 -25.41
C LYS C 23 28.54 -2.31 -26.89
N VAL C 24 28.91 -1.08 -27.24
CA VAL C 24 29.21 -0.73 -28.62
C VAL C 24 30.50 -1.43 -29.07
N ILE C 25 30.42 -2.18 -30.16
CA ILE C 25 31.59 -2.86 -30.72
C ILE C 25 31.94 -2.32 -32.11
N GLY C 26 31.00 -1.60 -32.72
CA GLY C 26 31.23 -1.05 -34.04
C GLY C 26 30.39 0.18 -34.34
N LEU C 27 30.98 1.14 -35.03
CA LEU C 27 30.27 2.38 -35.36
C LEU C 27 30.57 2.92 -36.75
N GLN C 28 29.55 2.90 -37.61
CA GLN C 28 29.58 3.61 -38.87
C GLN C 28 28.89 4.95 -38.63
N PHE C 29 29.67 5.98 -38.29
CA PHE C 29 29.10 7.22 -37.80
C PHE C 29 28.24 7.99 -38.81
N THR C 30 27.14 8.54 -38.31
CA THR C 30 26.26 9.36 -39.13
C THR C 30 25.77 10.56 -38.33
N GLU C 31 25.33 10.32 -37.09
CA GLU C 31 24.74 11.33 -36.23
C GLU C 31 24.51 10.68 -34.87
N MET C 32 24.36 11.46 -33.82
CA MET C 32 24.16 10.87 -32.49
C MET C 32 22.71 10.89 -32.02
N ASP C 33 21.77 10.93 -32.96
CA ASP C 33 20.37 10.91 -32.62
C ASP C 33 19.99 9.53 -32.10
N LYS C 34 19.05 9.47 -31.17
CA LYS C 34 18.57 8.19 -30.65
C LYS C 34 17.07 8.06 -30.81
N PRO C 35 16.59 6.83 -31.05
CA PRO C 35 15.14 6.60 -31.15
C PRO C 35 14.43 7.11 -29.89
N THR C 36 13.37 7.89 -30.08
CA THR C 36 12.49 8.30 -28.98
C THR C 36 11.56 7.14 -28.68
N ILE C 37 10.72 7.31 -27.67
CA ILE C 37 9.81 6.25 -27.23
C ILE C 37 8.68 5.96 -28.22
N ILE C 38 8.55 6.80 -29.24
CA ILE C 38 7.46 6.67 -30.20
C ILE C 38 7.99 6.58 -31.63
N SER C 39 9.30 6.37 -31.73
CA SER C 39 10.00 6.35 -33.01
C SER C 39 9.74 5.10 -33.85
N THR C 40 10.22 5.14 -35.09
CA THR C 40 10.23 3.97 -35.97
C THR C 40 11.65 3.77 -36.46
N VAL C 41 12.13 2.53 -36.40
CA VAL C 41 13.52 2.25 -36.81
C VAL C 41 13.61 1.04 -37.72
N GLU C 42 14.70 0.97 -38.47
CA GLU C 42 15.07 -0.26 -39.14
C GLU C 42 16.34 -0.75 -38.49
N PHE C 43 16.36 -2.03 -38.13
CA PHE C 43 17.51 -2.60 -37.47
C PHE C 43 17.73 -4.04 -37.95
N SER C 44 18.91 -4.57 -37.69
CA SER C 44 19.19 -5.95 -38.04
C SER C 44 19.70 -6.77 -36.85
N VAL C 45 19.21 -8.00 -36.75
CA VAL C 45 19.77 -9.00 -35.85
C VAL C 45 20.89 -9.64 -36.65
N ASN C 46 22.14 -9.47 -36.20
CA ASN C 46 23.29 -9.88 -36.99
C ASN C 46 23.48 -11.39 -37.11
N LYS C 47 23.20 -12.09 -36.01
CA LYS C 47 23.32 -13.53 -35.98
C LYS C 47 22.43 -14.10 -34.88
N LYS C 48 22.26 -15.42 -34.89
CA LYS C 48 21.34 -16.11 -33.98
C LYS C 48 21.60 -15.84 -32.50
N ALA C 49 20.53 -15.53 -31.79
CA ALA C 49 20.62 -15.19 -30.37
C ALA C 49 21.13 -16.35 -29.51
N THR C 50 22.05 -16.05 -28.61
CA THR C 50 22.58 -17.04 -27.68
C THR C 50 21.67 -17.14 -26.46
N ASN C 51 21.24 -18.37 -26.15
CA ASN C 51 20.53 -18.67 -24.89
C ASN C 51 19.13 -18.06 -24.78
N LEU C 52 18.38 -18.07 -25.87
CA LEU C 52 17.02 -17.52 -25.86
C LEU C 52 16.08 -18.38 -25.00
N GLY C 53 16.46 -19.64 -24.79
CA GLY C 53 15.76 -20.52 -23.87
C GLY C 53 14.31 -20.81 -24.19
N GLY C 54 13.94 -20.75 -25.46
CA GLY C 54 12.58 -21.05 -25.87
C GLY C 54 11.60 -19.90 -25.69
N ARG C 55 12.09 -18.79 -25.15
CA ARG C 55 11.28 -17.58 -24.95
C ARG C 55 10.75 -17.04 -26.27
N PRO C 56 9.49 -16.57 -26.25
CA PRO C 56 8.92 -16.00 -27.48
C PRO C 56 9.57 -14.66 -27.79
N SER C 57 9.75 -14.41 -29.08
CA SER C 57 10.27 -13.16 -29.59
C SER C 57 9.98 -13.20 -31.06
N LYS C 58 9.80 -12.03 -31.67
CA LYS C 58 9.46 -11.95 -33.08
C LYS C 58 10.71 -11.62 -33.87
N TYR C 59 11.71 -11.10 -33.18
CA TYR C 59 12.94 -10.65 -33.81
C TYR C 59 14.13 -11.56 -33.53
N LEU C 60 14.07 -12.27 -32.40
CA LEU C 60 15.16 -13.13 -31.96
C LEU C 60 14.86 -14.60 -32.25
N VAL C 61 13.82 -14.82 -33.05
CA VAL C 61 13.47 -16.14 -33.55
C VAL C 61 13.41 -16.05 -35.08
N SER C 62 14.06 -17.00 -35.77
CA SER C 62 14.18 -16.96 -37.24
C SER C 62 12.83 -16.97 -37.95
N THR C 67 18.27 -16.92 -42.85
CA THR C 67 19.61 -16.38 -43.10
C THR C 67 19.87 -15.00 -42.48
N TYR C 68 20.69 -14.99 -41.42
CA TYR C 68 21.17 -13.75 -40.82
C TYR C 68 22.16 -13.05 -41.76
N PRO C 69 22.33 -11.73 -41.62
CA PRO C 69 21.61 -10.80 -40.72
C PRO C 69 20.21 -10.47 -41.20
N GLN C 70 19.25 -10.44 -40.28
CA GLN C 70 17.83 -10.26 -40.60
C GLN C 70 17.35 -8.83 -40.34
N LYS C 71 16.82 -8.20 -41.39
CA LYS C 71 16.34 -6.83 -41.28
C LYS C 71 14.98 -6.79 -40.64
N HIS C 72 14.68 -5.70 -39.95
CA HIS C 72 13.39 -5.55 -39.30
C HIS C 72 12.94 -4.09 -39.24
N SER C 73 11.64 -3.88 -39.36
CA SER C 73 11.04 -2.57 -39.12
C SER C 73 10.35 -2.65 -37.77
N LEU C 74 10.59 -1.64 -36.93
CA LEU C 74 10.03 -1.63 -35.58
C LEU C 74 9.46 -0.27 -35.23
N GLU C 75 8.16 -0.26 -34.95
CA GLU C 75 7.51 0.92 -34.37
C GLU C 75 7.42 0.68 -32.86
N MET C 76 8.02 1.58 -32.09
CA MET C 76 8.01 1.48 -30.62
C MET C 76 6.58 1.38 -30.08
N GLY C 77 6.40 0.60 -29.02
CA GLY C 77 5.10 0.43 -28.40
C GLY C 77 4.23 -0.68 -28.98
N THR C 78 4.82 -1.49 -29.87
CA THR C 78 4.06 -2.54 -30.55
C THR C 78 4.47 -3.96 -30.19
N SER C 79 5.56 -4.11 -29.46
CA SER C 79 6.08 -5.44 -29.10
C SER C 79 5.17 -6.16 -28.11
N LEU C 80 5.01 -7.47 -28.31
CA LEU C 80 4.03 -8.25 -27.57
C LEU C 80 4.63 -9.35 -26.67
N THR C 81 5.95 -9.37 -26.56
CA THR C 81 6.63 -10.35 -25.70
C THR C 81 7.60 -9.62 -24.79
N ALA C 82 7.91 -10.26 -23.65
CA ALA C 82 8.83 -9.69 -22.69
C ALA C 82 10.17 -9.34 -23.33
N VAL C 83 10.73 -10.30 -24.05
CA VAL C 83 11.98 -10.11 -24.77
C VAL C 83 11.92 -8.99 -25.80
N ASP C 84 10.84 -8.93 -26.59
CA ASP C 84 10.74 -7.89 -27.62
C ASP C 84 10.62 -6.47 -27.04
N CYS C 85 9.87 -6.32 -25.95
CA CYS C 85 9.72 -5.03 -25.30
C CYS C 85 11.04 -4.50 -24.75
N TYR C 86 11.85 -5.41 -24.20
CA TYR C 86 13.15 -5.03 -23.65
C TYR C 86 14.15 -4.77 -24.77
N LEU C 87 13.92 -5.39 -25.91
CA LEU C 87 14.73 -5.14 -27.09
C LEU C 87 14.48 -3.71 -27.60
N GLU C 88 13.23 -3.27 -27.55
CA GLU C 88 12.87 -1.92 -27.98
C GLU C 88 13.61 -0.89 -27.15
N LEU C 89 13.74 -1.15 -25.86
CA LEU C 89 14.44 -0.24 -24.95
C LEU C 89 15.92 -0.18 -25.30
N LEU C 90 16.53 -1.33 -25.52
CA LEU C 90 17.90 -1.37 -25.95
C LEU C 90 18.11 -0.61 -27.22
N LEU C 91 17.21 -0.71 -28.17
CA LEU C 91 17.37 0.01 -29.41
C LEU C 91 17.31 1.50 -29.20
N GLN C 92 16.54 1.93 -28.23
CA GLN C 92 16.47 3.32 -27.88
C GLN C 92 17.78 3.92 -27.41
N GLN C 93 18.76 3.10 -27.11
CA GLN C 93 20.08 3.58 -26.68
C GLN C 93 21.10 3.60 -27.82
N PHE C 94 20.68 3.19 -29.01
CA PHE C 94 21.55 3.12 -30.18
C PHE C 94 21.61 4.45 -30.92
N VAL C 95 22.71 4.68 -31.66
CA VAL C 95 22.77 5.71 -32.69
C VAL C 95 22.79 4.98 -34.03
N PRO C 96 22.39 5.66 -35.12
CA PRO C 96 22.44 5.00 -36.44
C PRO C 96 23.84 4.54 -36.82
N GLY C 97 23.94 3.33 -37.38
CA GLY C 97 25.23 2.77 -37.75
C GLY C 97 25.97 2.13 -36.59
N GLU C 98 25.30 2.02 -35.43
CA GLU C 98 25.89 1.37 -34.27
C GLU C 98 25.66 -0.12 -34.28
N THR C 99 26.73 -0.88 -34.10
CA THR C 99 26.61 -2.30 -33.84
C THR C 99 26.99 -2.53 -32.38
N ALA C 100 26.11 -3.20 -31.64
CA ALA C 100 26.32 -3.40 -30.23
C ALA C 100 26.01 -4.81 -29.78
N ALA C 101 26.74 -5.26 -28.77
CA ALA C 101 26.47 -6.53 -28.10
C ALA C 101 25.50 -6.29 -26.95
N CYS C 102 24.30 -6.86 -27.04
CA CYS C 102 23.29 -6.64 -26.01
C CYS C 102 23.06 -7.90 -25.19
N SER C 103 22.78 -7.72 -23.91
CA SER C 103 22.42 -8.82 -23.03
C SER C 103 21.16 -8.49 -22.25
N ILE C 104 20.28 -9.49 -22.10
CA ILE C 104 19.15 -9.43 -21.19
C ILE C 104 19.35 -10.52 -20.14
N THR C 105 19.47 -10.12 -18.88
CA THR C 105 19.68 -11.08 -17.80
C THR C 105 18.36 -11.52 -17.16
N THR C 106 18.10 -12.83 -17.20
CA THR C 106 16.89 -13.39 -16.60
C THR C 106 17.03 -13.52 -15.09
N LYS C 107 15.96 -13.98 -14.44
CA LYS C 107 15.92 -14.10 -12.98
C LYS C 107 16.85 -15.19 -12.47
N THR C 108 16.97 -16.27 -13.25
CA THR C 108 17.84 -17.38 -12.91
C THR C 108 19.31 -17.00 -13.07
N GLY C 109 19.58 -15.79 -13.56
CA GLY C 109 20.94 -15.31 -13.73
C GLY C 109 21.46 -15.50 -15.14
N GLU C 110 20.75 -16.31 -15.93
CA GLU C 110 21.12 -16.56 -17.32
C GLU C 110 21.17 -15.28 -18.14
N ARG C 111 21.96 -15.28 -19.22
CA ARG C 111 22.02 -14.15 -20.12
C ARG C 111 21.58 -14.54 -21.52
N ILE C 112 20.64 -13.77 -22.06
CA ILE C 112 20.30 -13.87 -23.47
C ILE C 112 21.15 -12.83 -24.18
N GLU C 113 22.01 -13.27 -25.09
CA GLU C 113 22.96 -12.38 -25.74
C GLU C 113 22.74 -12.39 -27.25
N PHE C 114 22.89 -11.20 -27.84
CA PHE C 114 22.63 -11.01 -29.26
C PHE C 114 23.33 -9.76 -29.78
N GLU C 115 23.56 -9.68 -31.09
CA GLU C 115 24.13 -8.48 -31.66
C GLU C 115 23.14 -7.78 -32.58
N LEU C 116 23.04 -6.47 -32.43
CA LEU C 116 22.06 -5.67 -33.15
C LEU C 116 22.78 -4.57 -33.88
N LYS C 117 22.17 -4.13 -34.98
CA LYS C 117 22.66 -2.94 -35.66
C LYS C 117 21.48 -2.02 -35.97
N LEU C 118 21.57 -0.77 -35.54
CA LEU C 118 20.59 0.23 -35.93
C LEU C 118 21.02 0.81 -37.28
N GLU C 119 20.20 0.56 -38.29
CA GLU C 119 20.46 1.01 -39.65
C GLU C 119 20.13 2.49 -39.79
N LYS C 120 18.85 2.80 -39.72
CA LYS C 120 18.37 4.18 -39.81
C LYS C 120 17.19 4.44 -38.89
N ILE C 121 17.09 5.67 -38.38
CA ILE C 121 15.91 6.09 -37.65
C ILE C 121 14.92 6.67 -38.68
N VAL C 122 13.88 5.89 -38.97
CA VAL C 122 12.91 6.24 -40.03
C VAL C 122 12.04 7.42 -39.63
N LYS C 123 11.56 7.42 -38.39
CA LYS C 123 10.70 8.48 -37.89
C LYS C 123 11.01 8.71 -36.41
N ASN C 124 11.44 9.91 -36.06
CA ASN C 124 11.86 10.19 -34.69
C ASN C 124 11.08 11.36 -34.08
N THR C 125 9.76 11.20 -34.02
CA THR C 125 8.88 12.25 -33.51
C THR C 125 9.07 12.46 -32.00
N GLN C 126 8.69 13.63 -31.49
CA GLN C 126 8.84 13.94 -30.07
C GLN C 126 7.49 14.15 -29.38
N VAL C 127 7.40 13.71 -28.14
CA VAL C 127 6.13 13.71 -27.40
C VAL C 127 5.61 15.13 -27.14
N GLU C 128 6.53 16.06 -26.86
CA GLU C 128 6.16 17.44 -26.58
C GLU C 128 5.47 18.09 -27.77
N LYS C 129 5.88 17.68 -28.97
CA LYS C 129 5.45 18.31 -30.21
C LYS C 129 4.04 17.90 -30.63
N LEU C 130 3.58 16.78 -30.10
CA LEU C 130 2.29 16.20 -30.52
C LEU C 130 1.08 16.98 -29.98
N SER C 131 0.00 16.99 -30.75
CA SER C 131 -1.26 17.56 -30.29
C SER C 131 -1.96 16.52 -29.44
N ALA C 132 -3.07 16.91 -28.82
CA ALA C 132 -3.87 15.96 -28.06
C ALA C 132 -4.41 14.87 -28.98
N ALA C 133 -4.65 15.23 -30.24
CA ALA C 133 -5.16 14.27 -31.22
C ALA C 133 -4.13 13.20 -31.51
N GLU C 134 -2.86 13.61 -31.60
CA GLU C 134 -1.76 12.68 -31.82
C GLU C 134 -1.49 11.84 -30.58
N ILE C 135 -1.41 12.50 -29.43
CA ILE C 135 -1.25 11.83 -28.14
C ILE C 135 -2.31 10.73 -27.95
N TYR C 136 -3.56 11.06 -28.25
CA TYR C 136 -4.65 10.09 -28.22
C TYR C 136 -4.31 8.83 -29.01
N GLU C 137 -3.84 9.03 -30.24
CA GLU C 137 -3.49 7.89 -31.10
C GLU C 137 -2.42 7.00 -30.48
N VAL C 138 -1.36 7.61 -29.96
CA VAL C 138 -0.30 6.87 -29.27
C VAL C 138 -0.83 6.08 -28.07
N ALA C 139 -1.64 6.72 -27.23
CA ALA C 139 -2.20 6.05 -26.06
C ALA C 139 -3.13 4.92 -26.46
N LEU C 140 -3.86 5.12 -27.56
CA LEU C 140 -4.75 4.12 -28.11
C LEU C 140 -3.96 2.91 -28.59
N ARG C 141 -2.78 3.17 -29.16
CA ARG C 141 -1.90 2.12 -29.64
C ARG C 141 -1.32 1.31 -28.48
N LEU C 142 -0.82 2.02 -27.49
CA LEU C 142 -0.31 1.42 -26.25
C LEU C 142 -1.37 0.52 -25.61
N LYS C 143 -2.60 1.02 -25.56
CA LYS C 143 -3.70 0.29 -24.96
C LYS C 143 -4.00 -1.00 -25.72
N GLU C 144 -3.91 -0.95 -27.05
CA GLU C 144 -4.08 -2.14 -27.88
C GLU C 144 -2.98 -3.16 -27.58
N SER C 145 -1.74 -2.70 -27.50
CA SER C 145 -0.64 -3.58 -27.11
C SER C 145 -0.89 -4.18 -25.73
N GLY C 146 -1.50 -3.41 -24.85
CA GLY C 146 -1.81 -3.86 -23.50
C GLY C 146 -2.84 -4.96 -23.44
N VAL C 147 -3.91 -4.81 -24.22
CA VAL C 147 -4.92 -5.85 -24.31
C VAL C 147 -4.33 -7.12 -24.90
N ALA C 148 -3.45 -6.96 -25.88
CA ALA C 148 -2.86 -8.10 -26.58
C ALA C 148 -1.93 -8.95 -25.70
N THR C 149 -1.17 -8.31 -24.83
CA THR C 149 -0.22 -9.01 -23.96
C THR C 149 -0.83 -9.37 -22.60
N PHE C 150 -2.11 -9.06 -22.43
CA PHE C 150 -2.79 -9.26 -21.14
C PHE C 150 -2.61 -10.66 -20.59
N LYS C 151 -2.92 -11.67 -21.41
CA LYS C 151 -2.84 -13.06 -20.96
C LYS C 151 -1.41 -13.57 -20.84
N THR C 152 -0.57 -13.21 -21.79
CA THR C 152 0.77 -13.80 -21.89
C THR C 152 1.81 -13.14 -20.99
N PHE C 153 1.82 -11.82 -20.96
CA PHE C 153 2.78 -11.06 -20.17
C PHE C 153 2.12 -9.92 -19.40
N PRO C 154 1.43 -10.26 -18.31
CA PRO C 154 0.75 -9.27 -17.48
C PRO C 154 1.64 -8.06 -17.19
N LYS C 155 2.71 -8.28 -16.43
CA LYS C 155 3.64 -7.21 -16.08
C LYS C 155 3.71 -6.16 -17.18
N PHE C 156 3.91 -6.61 -18.40
CA PHE C 156 4.07 -5.74 -19.55
C PHE C 156 2.80 -5.12 -20.07
N ALA C 157 1.72 -5.85 -19.99
CA ALA C 157 0.40 -5.34 -20.29
C ALA C 157 0.14 -4.17 -19.36
N PHE C 158 0.34 -4.42 -18.07
CA PHE C 158 0.19 -3.38 -17.05
C PHE C 158 1.03 -2.14 -17.36
N ASP C 159 2.30 -2.34 -17.71
CA ASP C 159 3.17 -1.23 -18.09
C ASP C 159 2.62 -0.47 -19.30
N TYR C 160 1.99 -1.18 -20.23
CA TYR C 160 1.38 -0.54 -21.39
C TYR C 160 0.20 0.34 -20.99
N PHE C 161 -0.69 -0.21 -20.18
CA PHE C 161 -1.84 0.53 -19.68
C PHE C 161 -1.46 1.80 -18.90
N VAL C 162 -0.49 1.67 -18.00
CA VAL C 162 0.04 2.82 -17.25
C VAL C 162 0.62 3.89 -18.14
N ARG C 163 1.42 3.49 -19.12
CA ARG C 163 2.02 4.44 -20.06
C ARG C 163 0.98 5.21 -20.88
N ALA C 164 -0.07 4.51 -21.31
CA ALA C 164 -1.15 5.17 -22.04
C ALA C 164 -1.90 6.14 -21.13
N ALA C 165 -2.19 5.68 -19.92
CA ALA C 165 -2.88 6.51 -18.92
C ALA C 165 -2.12 7.79 -18.59
N LYS C 166 -0.79 7.69 -18.50
CA LYS C 166 0.05 8.85 -18.19
C LYS C 166 0.15 9.85 -19.33
N LEU C 167 0.05 9.36 -20.55
CA LEU C 167 0.08 10.25 -21.73
C LEU C 167 -1.17 11.13 -21.75
N LEU C 168 -2.29 10.59 -21.29
CA LEU C 168 -3.57 11.27 -21.39
C LEU C 168 -3.80 12.35 -20.32
N ILE C 169 -3.35 12.12 -19.09
CA ILE C 169 -3.65 13.04 -17.99
C ILE C 169 -2.96 14.40 -18.12
N THR C 170 -2.12 14.54 -19.15
CA THR C 170 -1.52 15.84 -19.46
C THR C 170 -2.60 16.78 -19.99
N TYR C 171 -3.66 16.20 -20.56
CA TYR C 171 -4.75 16.97 -21.17
C TYR C 171 -6.01 17.08 -20.31
N LYS C 172 -5.91 16.66 -19.06
CA LYS C 172 -7.00 16.85 -18.10
C LYS C 172 -6.89 18.28 -17.59
N PRO C 173 -8.02 18.98 -17.37
CA PRO C 173 -9.43 18.60 -17.52
C PRO C 173 -9.83 18.39 -18.98
N PHE C 174 -10.34 17.19 -19.27
CA PHE C 174 -10.73 16.80 -20.61
C PHE C 174 -11.86 17.64 -21.21
N ASP C 175 -12.55 18.39 -20.37
CA ASP C 175 -13.65 19.25 -20.81
C ASP C 175 -13.21 20.34 -21.77
N LYS C 176 -11.98 20.83 -21.62
CA LYS C 176 -11.51 22.00 -22.36
C LYS C 176 -10.95 21.66 -23.74
N LEU C 177 -10.68 20.38 -23.95
CA LEU C 177 -10.25 19.89 -25.24
C LEU C 177 -11.36 20.10 -26.24
N THR C 178 -11.11 20.96 -27.23
CA THR C 178 -12.03 21.15 -28.34
C THR C 178 -11.38 20.56 -29.58
N LYS C 179 -12.18 20.07 -30.50
CA LYS C 179 -11.65 19.54 -31.75
C LYS C 179 -10.97 20.67 -32.53
N LYS C 180 -11.48 21.89 -32.38
CA LYS C 180 -10.92 23.04 -33.07
C LYS C 180 -9.54 23.46 -32.56
N THR C 181 -9.37 23.52 -31.25
CA THR C 181 -8.12 23.95 -30.65
C THR C 181 -7.11 22.81 -30.54
N ASN C 182 -7.62 21.61 -30.26
CA ASN C 182 -6.76 20.47 -29.92
C ASN C 182 -6.77 19.30 -30.91
N GLY C 183 -7.68 19.34 -31.89
CA GLY C 183 -7.76 18.28 -32.87
C GLY C 183 -8.60 17.09 -32.40
N ILE C 184 -8.92 17.08 -31.12
CA ILE C 184 -9.72 16.00 -30.55
C ILE C 184 -10.73 16.53 -29.53
N ASN C 185 -11.83 15.80 -29.39
CA ASN C 185 -12.89 16.12 -28.46
C ASN C 185 -12.61 15.50 -27.09
N GLY C 186 -13.10 16.14 -26.04
CA GLY C 186 -12.86 15.65 -24.69
C GLY C 186 -13.54 14.34 -24.39
N GLN C 187 -14.56 13.99 -25.17
CA GLN C 187 -15.33 12.79 -24.91
C GLN C 187 -14.51 11.55 -25.25
N ALA C 188 -13.95 11.52 -26.46
CA ALA C 188 -13.14 10.40 -26.90
C ALA C 188 -11.97 10.14 -25.95
N VAL C 189 -11.33 11.20 -25.50
CA VAL C 189 -10.20 11.10 -24.60
C VAL C 189 -10.60 10.47 -23.27
N GLU C 190 -11.65 11.01 -22.65
CA GLU C 190 -12.14 10.51 -21.38
C GLU C 190 -12.60 9.05 -21.48
N GLU C 191 -13.25 8.72 -22.59
CA GLU C 191 -13.75 7.36 -22.80
C GLU C 191 -12.61 6.35 -22.89
N LEU C 192 -11.52 6.71 -23.57
CA LEU C 192 -10.32 5.87 -23.61
C LEU C 192 -9.78 5.72 -22.20
N PHE C 193 -9.59 6.84 -21.52
CA PHE C 193 -9.01 6.85 -20.19
C PHE C 193 -9.74 5.94 -19.23
N ILE C 194 -11.06 5.86 -19.37
CA ILE C 194 -11.87 4.97 -18.55
C ILE C 194 -11.61 3.50 -18.92
N GLN C 195 -11.53 3.20 -20.21
CA GLN C 195 -11.20 1.86 -20.69
C GLN C 195 -9.89 1.35 -20.12
N ILE C 196 -8.87 2.20 -20.18
CA ILE C 196 -7.56 1.90 -19.62
C ILE C 196 -7.62 1.57 -18.13
N GLN C 197 -8.42 2.32 -17.38
CA GLN C 197 -8.60 2.09 -15.95
C GLN C 197 -9.24 0.74 -15.65
N THR C 198 -10.24 0.37 -16.43
CA THR C 198 -10.88 -0.94 -16.30
C THR C 198 -9.86 -2.03 -16.56
N ASN C 199 -9.02 -1.82 -17.58
CA ASN C 199 -7.96 -2.77 -17.90
C ASN C 199 -6.91 -2.90 -16.80
N LEU C 200 -6.55 -1.78 -16.18
CA LEU C 200 -5.60 -1.79 -15.06
C LEU C 200 -6.13 -2.61 -13.88
N ALA C 201 -7.43 -2.50 -13.64
CA ALA C 201 -8.05 -3.26 -12.57
C ALA C 201 -7.96 -4.75 -12.87
N ALA C 202 -8.37 -5.13 -14.08
CA ALA C 202 -8.32 -6.53 -14.49
C ALA C 202 -6.89 -7.06 -14.50
N CYS C 203 -5.95 -6.18 -14.78
CA CYS C 203 -4.54 -6.55 -14.83
C CYS C 203 -4.05 -7.02 -13.46
N LEU C 204 -4.36 -6.24 -12.43
CA LEU C 204 -3.95 -6.58 -11.07
C LEU C 204 -4.42 -7.98 -10.68
N LEU C 205 -5.66 -8.30 -11.04
CA LEU C 205 -6.22 -9.61 -10.74
C LEU C 205 -5.44 -10.67 -11.51
N GLN C 206 -5.13 -10.37 -12.76
CA GLN C 206 -4.40 -11.29 -13.62
C GLN C 206 -3.01 -11.57 -13.08
N GLU C 207 -2.38 -10.54 -12.51
CA GLU C 207 -1.08 -10.73 -11.86
C GLU C 207 -1.18 -11.65 -10.64
N LYS C 208 -2.23 -11.49 -9.86
CA LYS C 208 -2.44 -12.29 -8.66
C LYS C 208 -2.72 -13.76 -8.97
N ARG C 209 -3.50 -13.98 -10.01
CA ARG C 209 -3.84 -15.33 -10.45
C ARG C 209 -2.59 -16.18 -10.73
N TYR C 210 -1.55 -15.55 -11.25
CA TYR C 210 -0.31 -16.26 -11.58
C TYR C 210 0.82 -15.98 -10.60
N GLU C 211 0.47 -15.30 -9.51
CA GLU C 211 1.45 -14.85 -8.51
C GLU C 211 2.19 -15.99 -7.80
N HIS C 212 1.43 -16.98 -7.31
CA HIS C 212 2.01 -18.12 -6.60
C HIS C 212 2.34 -19.25 -7.56
N VAL C 213 2.30 -18.96 -8.84
CA VAL C 213 2.66 -19.93 -9.86
C VAL C 213 4.13 -19.77 -10.25
N ILE C 214 4.95 -20.76 -9.92
CA ILE C 214 6.36 -20.74 -10.28
C ILE C 214 6.49 -20.74 -11.79
N TYR C 215 7.69 -20.43 -12.29
CA TYR C 215 7.94 -20.47 -13.71
C TYR C 215 8.77 -21.70 -14.05
N SER D 4 -22.28 29.99 35.87
CA SER D 4 -23.42 29.43 35.16
C SER D 4 -23.46 29.88 33.71
N MET D 5 -23.23 28.93 32.80
CA MET D 5 -23.10 29.25 31.39
C MET D 5 -24.17 28.50 30.60
N ASP D 6 -25.39 29.00 30.61
CA ASP D 6 -26.49 28.27 29.98
C ASP D 6 -26.42 28.33 28.46
N TRP D 7 -25.81 29.40 27.94
CA TRP D 7 -25.71 29.57 26.49
C TRP D 7 -24.77 28.53 25.87
N TYR D 8 -23.89 27.98 26.69
CA TYR D 8 -22.99 26.93 26.27
C TYR D 8 -23.63 25.55 26.41
N VAL D 9 -24.72 25.47 27.19
CA VAL D 9 -25.48 24.23 27.35
C VAL D 9 -26.22 23.88 26.05
N GLY D 10 -26.33 22.58 25.73
CA GLY D 10 -26.97 22.15 24.49
C GLY D 10 -26.00 22.09 23.31
N THR D 11 -24.79 22.61 23.53
CA THR D 11 -23.71 22.56 22.57
C THR D 11 -23.37 21.12 22.17
N GLU D 12 -23.02 20.91 20.90
CA GLU D 12 -22.78 19.57 20.38
C GLU D 12 -21.41 19.42 19.72
N TRP D 13 -20.73 18.33 20.05
CA TRP D 13 -19.44 18.00 19.48
C TRP D 13 -19.48 16.62 18.86
N GLU D 14 -18.79 16.45 17.73
CA GLU D 14 -18.74 15.14 17.09
C GLU D 14 -17.37 14.79 16.52
N ASP D 15 -17.04 13.51 16.63
CA ASP D 15 -15.97 12.91 15.84
C ASP D 15 -16.68 11.84 15.03
N LYS D 16 -17.04 12.19 13.80
CA LYS D 16 -17.81 11.31 12.92
C LYS D 16 -17.10 9.98 12.67
N ASN D 17 -15.83 10.08 12.29
CA ASN D 17 -15.02 8.90 11.97
C ASN D 17 -14.95 7.85 13.08
N ARG D 18 -14.91 8.30 14.34
CA ARG D 18 -14.85 7.37 15.47
C ARG D 18 -16.23 7.09 16.05
N GLY D 19 -17.26 7.68 15.46
CA GLY D 19 -18.62 7.50 15.93
C GLY D 19 -18.85 8.06 17.32
N LEU D 20 -18.22 9.20 17.60
CA LEU D 20 -18.32 9.81 18.91
C LEU D 20 -19.19 11.08 18.87
N ALA D 21 -20.06 11.22 19.86
CA ALA D 21 -20.92 12.39 19.97
C ALA D 21 -21.03 12.85 21.42
N LYS D 22 -21.04 14.16 21.62
CA LYS D 22 -21.09 14.75 22.96
C LYS D 22 -22.07 15.91 22.97
N LYS D 23 -22.91 15.98 23.98
CA LYS D 23 -23.88 17.06 24.09
C LYS D 23 -23.93 17.58 25.52
N VAL D 24 -23.52 18.82 25.71
CA VAL D 24 -23.53 19.46 27.02
C VAL D 24 -24.95 19.55 27.57
N ILE D 25 -25.15 19.17 28.83
CA ILE D 25 -26.46 19.29 29.48
C ILE D 25 -26.38 20.12 30.75
N GLY D 26 -25.17 20.42 31.18
CA GLY D 26 -24.95 21.24 32.35
C GLY D 26 -23.55 21.83 32.42
N LEU D 27 -23.44 23.06 32.89
CA LEU D 27 -22.13 23.70 33.08
C LEU D 27 -22.07 24.49 34.37
N GLN D 28 -21.20 24.06 35.27
CA GLN D 28 -20.81 24.85 36.42
C GLN D 28 -19.44 25.39 36.07
N PHE D 29 -19.42 26.55 35.41
CA PHE D 29 -18.19 27.08 34.83
C PHE D 29 -17.14 27.52 35.86
N THR D 30 -15.89 27.16 35.59
CA THR D 30 -14.75 27.64 36.36
C THR D 30 -13.63 28.13 35.43
N GLU D 31 -13.42 27.41 34.33
CA GLU D 31 -12.43 27.79 33.32
C GLU D 31 -12.63 26.98 32.04
N MET D 32 -12.12 27.50 30.93
CA MET D 32 -12.34 26.88 29.62
C MET D 32 -11.20 25.95 29.20
N ASP D 33 -10.36 25.55 30.15
CA ASP D 33 -9.26 24.64 29.87
C ASP D 33 -9.76 23.22 29.59
N LYS D 34 -9.23 22.59 28.54
CA LYS D 34 -9.55 21.20 28.23
C LYS D 34 -8.39 20.29 28.63
N PRO D 35 -8.70 19.03 28.97
CA PRO D 35 -7.64 18.08 29.32
C PRO D 35 -6.78 17.71 28.10
N THR D 36 -5.47 17.59 28.31
CA THR D 36 -4.52 17.23 27.26
C THR D 36 -4.51 15.71 27.07
N ILE D 37 -3.71 15.23 26.11
CA ILE D 37 -3.58 13.80 25.86
C ILE D 37 -2.79 13.06 26.92
N ILE D 38 -2.13 13.80 27.80
CA ILE D 38 -1.31 13.20 28.85
C ILE D 38 -1.75 13.68 30.22
N SER D 39 -2.93 14.28 30.26
CA SER D 39 -3.48 14.85 31.49
C SER D 39 -3.93 13.78 32.48
N THR D 40 -4.27 14.20 33.68
CA THR D 40 -4.90 13.34 34.66
C THR D 40 -6.16 14.05 35.16
N VAL D 41 -7.29 13.35 35.16
CA VAL D 41 -8.56 13.98 35.50
C VAL D 41 -9.35 13.16 36.53
N GLU D 42 -10.28 13.84 37.19
CA GLU D 42 -11.18 13.18 38.12
C GLU D 42 -12.62 13.39 37.66
N PHE D 43 -13.20 12.37 37.04
CA PHE D 43 -14.56 12.46 36.55
C PHE D 43 -15.46 11.51 37.32
N SER D 44 -16.73 11.46 36.94
CA SER D 44 -17.69 10.55 37.57
C SER D 44 -18.86 10.28 36.65
N VAL D 45 -19.28 9.02 36.59
CA VAL D 45 -20.47 8.63 35.83
C VAL D 45 -21.73 8.97 36.60
N ASN D 46 -22.72 9.54 35.92
CA ASN D 46 -23.95 9.98 36.60
C ASN D 46 -25.02 8.92 36.74
N LYS D 47 -25.16 8.08 35.72
CA LYS D 47 -26.16 7.01 35.75
C LYS D 47 -25.62 5.79 35.01
N LYS D 48 -26.37 4.71 35.04
CA LYS D 48 -25.95 3.48 34.40
C LYS D 48 -25.88 3.69 32.88
N ALA D 49 -24.79 3.24 32.27
CA ALA D 49 -24.67 3.30 30.83
C ALA D 49 -25.72 2.41 30.20
N THR D 50 -26.14 2.75 28.99
CA THR D 50 -27.15 1.96 28.29
C THR D 50 -26.56 1.33 27.04
N ASN D 51 -26.99 0.10 26.75
CA ASN D 51 -26.63 -0.59 25.52
C ASN D 51 -25.15 -0.96 25.44
N LEU D 52 -24.51 -1.18 26.59
CA LEU D 52 -23.10 -1.50 26.64
C LEU D 52 -22.77 -2.73 25.80
N GLY D 53 -23.68 -3.70 25.80
CA GLY D 53 -23.53 -4.89 24.97
C GLY D 53 -22.54 -5.89 25.54
N GLY D 54 -22.25 -5.76 26.84
CA GLY D 54 -21.33 -6.67 27.50
C GLY D 54 -19.86 -6.34 27.24
N ARG D 55 -19.60 -5.36 26.39
CA ARG D 55 -18.25 -4.89 26.10
C ARG D 55 -17.56 -4.47 27.39
N PRO D 56 -16.29 -4.85 27.55
CA PRO D 56 -15.55 -4.55 28.79
C PRO D 56 -15.29 -3.07 28.93
N SER D 57 -15.37 -2.57 30.16
CA SER D 57 -15.02 -1.19 30.47
C SER D 57 -14.77 -1.06 31.96
N LYS D 58 -13.63 -0.49 32.32
CA LYS D 58 -13.31 -0.26 33.72
C LYS D 58 -14.35 0.66 34.36
N TYR D 59 -14.74 1.70 33.63
CA TYR D 59 -15.54 2.78 34.18
C TYR D 59 -17.04 2.67 33.94
N LEU D 60 -17.41 2.06 32.82
CA LEU D 60 -18.82 2.00 32.42
C LEU D 60 -19.59 0.75 32.89
N VAL D 61 -18.92 -0.34 33.23
CA VAL D 61 -19.62 -1.40 33.93
C VAL D 61 -19.43 -1.26 35.42
N SER D 62 -20.51 -1.21 36.17
CA SER D 62 -20.43 -1.12 37.63
C SER D 62 -19.25 -0.29 38.14
N THR D 67 -24.97 2.46 43.08
CA THR D 67 -25.13 3.84 43.50
C THR D 67 -24.34 4.77 42.61
N TYR D 68 -25.03 5.78 42.09
CA TYR D 68 -24.45 6.79 41.21
C TYR D 68 -24.70 8.15 41.83
N PRO D 69 -23.81 9.12 41.68
CA PRO D 69 -22.70 9.07 40.74
C PRO D 69 -21.41 8.52 41.35
N GLN D 70 -20.64 7.80 40.54
CA GLN D 70 -19.43 7.12 41.00
C GLN D 70 -18.17 7.85 40.56
N LYS D 71 -17.51 8.51 41.50
CA LYS D 71 -16.26 9.21 41.18
C LYS D 71 -15.24 8.24 40.58
N HIS D 72 -14.43 8.75 39.66
CA HIS D 72 -13.38 7.98 39.04
C HIS D 72 -12.15 8.86 38.91
N SER D 73 -10.98 8.25 38.90
CA SER D 73 -9.77 8.96 38.53
C SER D 73 -9.22 8.28 37.29
N LEU D 74 -8.52 9.05 36.45
CA LEU D 74 -8.07 8.55 35.17
C LEU D 74 -6.85 9.31 34.72
N GLU D 75 -5.85 8.59 34.25
CA GLU D 75 -4.73 9.22 33.57
C GLU D 75 -4.79 8.79 32.12
N MET D 76 -4.72 9.77 31.23
CA MET D 76 -4.84 9.53 29.80
C MET D 76 -3.70 8.64 29.30
N GLY D 77 -4.02 7.72 28.40
CA GLY D 77 -3.03 6.83 27.82
C GLY D 77 -2.83 5.53 28.60
N THR D 78 -3.77 5.21 29.47
CA THR D 78 -3.66 4.01 30.29
C THR D 78 -4.84 3.06 30.13
N SER D 79 -5.82 3.46 29.35
CA SER D 79 -7.01 2.63 29.15
C SER D 79 -6.71 1.40 28.30
N LEU D 80 -7.40 0.31 28.57
CA LEU D 80 -7.07 -0.98 27.97
C LEU D 80 -8.24 -1.66 27.24
N THR D 81 -9.35 -0.94 27.12
CA THR D 81 -10.49 -1.42 26.35
C THR D 81 -10.85 -0.41 25.28
N ALA D 82 -11.53 -0.86 24.23
CA ALA D 82 -11.98 0.03 23.17
C ALA D 82 -12.89 1.14 23.71
N VAL D 83 -13.81 0.76 24.59
CA VAL D 83 -14.75 1.71 25.20
C VAL D 83 -14.07 2.77 26.06
N ASP D 84 -13.11 2.36 26.88
CA ASP D 84 -12.39 3.31 27.72
C ASP D 84 -11.50 4.26 26.92
N CYS D 85 -10.85 3.74 25.88
CA CYS D 85 -10.00 4.57 25.05
C CYS D 85 -10.83 5.67 24.39
N TYR D 86 -12.02 5.31 23.94
CA TYR D 86 -12.92 6.30 23.37
C TYR D 86 -13.52 7.22 24.42
N LEU D 87 -13.68 6.73 25.64
CA LEU D 87 -14.15 7.56 26.74
C LEU D 87 -13.13 8.66 27.07
N GLU D 88 -11.85 8.32 26.94
CA GLU D 88 -10.77 9.29 27.13
C GLU D 88 -10.87 10.42 26.11
N LEU D 89 -11.08 10.06 24.84
CA LEU D 89 -11.26 11.04 23.77
C LEU D 89 -12.41 11.99 24.07
N LEU D 90 -13.55 11.43 24.45
CA LEU D 90 -14.71 12.22 24.84
C LEU D 90 -14.39 13.20 25.97
N LEU D 91 -13.65 12.73 26.97
CA LEU D 91 -13.29 13.55 28.12
C LEU D 91 -12.36 14.72 27.79
N GLN D 92 -11.51 14.56 26.79
CA GLN D 92 -10.60 15.63 26.39
C GLN D 92 -11.38 16.79 25.77
N GLN D 93 -12.65 16.53 25.45
CA GLN D 93 -13.55 17.56 24.93
C GLN D 93 -14.37 18.28 26.00
N PHE D 94 -14.17 17.94 27.26
CA PHE D 94 -14.88 18.58 28.37
C PHE D 94 -14.10 19.79 28.90
N VAL D 95 -14.81 20.73 29.49
CA VAL D 95 -14.22 21.74 30.35
C VAL D 95 -14.61 21.34 31.78
N PRO D 96 -13.83 21.76 32.78
CA PRO D 96 -14.19 21.35 34.15
C PRO D 96 -15.56 21.91 34.53
N GLY D 97 -16.37 21.08 35.19
CA GLY D 97 -17.71 21.48 35.57
C GLY D 97 -18.74 21.11 34.53
N GLU D 98 -18.27 20.60 33.39
CA GLU D 98 -19.16 20.26 32.29
C GLU D 98 -19.81 18.89 32.49
N THR D 99 -21.11 18.82 32.22
CA THR D 99 -21.84 17.57 32.24
C THR D 99 -22.38 17.35 30.83
N ALA D 100 -22.18 16.15 30.30
CA ALA D 100 -22.54 15.87 28.92
C ALA D 100 -23.13 14.49 28.68
N ALA D 101 -24.14 14.45 27.82
CA ALA D 101 -24.67 13.19 27.35
C ALA D 101 -23.79 12.70 26.20
N CYS D 102 -22.95 11.71 26.48
CA CYS D 102 -22.02 11.20 25.50
C CYS D 102 -22.56 9.94 24.86
N SER D 103 -22.13 9.67 23.64
CA SER D 103 -22.58 8.48 22.94
C SER D 103 -21.45 7.90 22.09
N ILE D 104 -21.19 6.61 22.25
CA ILE D 104 -20.30 5.89 21.36
C ILE D 104 -21.14 5.05 20.41
N THR D 105 -20.95 5.27 19.12
CA THR D 105 -21.73 4.54 18.13
C THR D 105 -20.87 3.50 17.42
N THR D 106 -21.43 2.30 17.25
CA THR D 106 -20.69 1.14 16.77
C THR D 106 -20.87 0.91 15.28
N LYS D 107 -20.31 -0.20 14.80
CA LYS D 107 -20.50 -0.61 13.42
C LYS D 107 -21.92 -1.13 13.17
N THR D 108 -22.46 -1.86 14.14
CA THR D 108 -23.83 -2.35 14.00
C THR D 108 -24.87 -1.23 14.05
N GLY D 109 -24.42 -0.02 14.37
CA GLY D 109 -25.28 1.16 14.36
C GLY D 109 -25.89 1.37 15.73
N GLU D 110 -25.52 0.49 16.65
CA GLU D 110 -25.95 0.52 18.03
C GLU D 110 -25.31 1.71 18.76
N ARG D 111 -26.00 2.23 19.77
CA ARG D 111 -25.49 3.37 20.52
C ARG D 111 -25.25 3.04 21.98
N ILE D 112 -24.01 3.22 22.42
CA ILE D 112 -23.70 3.14 23.83
C ILE D 112 -23.83 4.57 24.35
N GLU D 113 -24.71 4.77 25.33
CA GLU D 113 -24.99 6.11 25.82
C GLU D 113 -24.66 6.21 27.30
N PHE D 114 -24.11 7.35 27.69
CA PHE D 114 -23.70 7.56 29.06
C PHE D 114 -23.54 9.03 29.37
N GLU D 115 -23.70 9.38 30.65
CA GLU D 115 -23.61 10.77 31.06
C GLU D 115 -22.41 10.93 31.98
N LEU D 116 -21.57 11.92 31.70
CA LEU D 116 -20.37 12.13 32.48
C LEU D 116 -20.31 13.57 32.98
N LYS D 117 -19.55 13.79 34.04
CA LYS D 117 -19.18 15.13 34.44
C LYS D 117 -17.70 15.17 34.81
N LEU D 118 -16.95 16.03 34.11
CA LEU D 118 -15.54 16.26 34.45
C LEU D 118 -15.45 17.21 35.62
N GLU D 119 -15.19 16.68 36.80
CA GLU D 119 -15.18 17.46 38.03
C GLU D 119 -13.98 18.37 38.09
N LYS D 120 -12.81 17.80 37.83
CA LYS D 120 -11.57 18.57 37.85
C LYS D 120 -10.45 17.93 37.02
N ILE D 121 -9.51 18.77 36.61
CA ILE D 121 -8.31 18.33 35.93
C ILE D 121 -7.13 18.41 36.90
N VAL D 122 -6.79 17.27 37.49
CA VAL D 122 -5.75 17.20 38.53
C VAL D 122 -4.42 17.70 37.99
N LYS D 123 -4.09 17.28 36.78
CA LYS D 123 -2.87 17.73 36.13
C LYS D 123 -3.06 17.84 34.63
N ASN D 124 -2.73 18.99 34.06
CA ASN D 124 -2.92 19.20 32.63
C ASN D 124 -1.61 19.50 31.94
N THR D 125 -0.65 18.58 32.08
CA THR D 125 0.67 18.71 31.46
C THR D 125 0.58 18.97 29.95
N GLN D 126 1.40 19.89 29.46
CA GLN D 126 1.51 20.18 28.03
C GLN D 126 2.68 19.43 27.42
N VAL D 127 2.41 18.69 26.34
CA VAL D 127 3.44 17.88 25.69
C VAL D 127 4.67 18.68 25.30
N GLU D 128 4.44 19.82 24.65
CA GLU D 128 5.54 20.64 24.13
C GLU D 128 6.47 21.18 25.21
N LYS D 129 6.05 21.14 26.47
CA LYS D 129 6.87 21.63 27.58
C LYS D 129 7.71 20.55 28.25
N LEU D 130 7.70 19.34 27.70
CA LEU D 130 8.46 18.24 28.29
C LEU D 130 9.86 18.13 27.69
N SER D 131 10.83 17.77 28.53
CA SER D 131 12.17 17.46 28.07
C SER D 131 12.20 16.07 27.45
N ALA D 132 13.36 15.66 26.95
CA ALA D 132 13.50 14.34 26.33
C ALA D 132 13.26 13.21 27.33
N ALA D 133 13.71 13.39 28.57
CA ALA D 133 13.54 12.38 29.60
C ALA D 133 12.07 12.15 29.94
N GLU D 134 11.33 13.25 30.10
CA GLU D 134 9.90 13.19 30.41
C GLU D 134 9.09 12.60 29.25
N ILE D 135 9.44 13.01 28.03
CA ILE D 135 8.83 12.48 26.83
C ILE D 135 9.11 10.98 26.75
N TYR D 136 10.34 10.61 27.05
CA TYR D 136 10.73 9.19 27.09
C TYR D 136 9.81 8.42 28.02
N GLU D 137 9.54 8.97 29.19
CA GLU D 137 8.67 8.31 30.15
C GLU D 137 7.25 8.15 29.65
N VAL D 138 6.75 9.13 28.90
CA VAL D 138 5.40 9.07 28.35
C VAL D 138 5.32 8.02 27.26
N ALA D 139 6.31 8.01 26.37
CA ALA D 139 6.40 7.01 25.32
C ALA D 139 6.40 5.60 25.89
N LEU D 140 7.12 5.42 27.00
CA LEU D 140 7.23 4.13 27.68
C LEU D 140 5.88 3.66 28.19
N ARG D 141 5.10 4.60 28.71
CA ARG D 141 3.77 4.29 29.24
C ARG D 141 2.83 3.85 28.12
N LEU D 142 2.81 4.62 27.05
CA LEU D 142 2.00 4.33 25.88
C LEU D 142 2.37 2.96 25.32
N LYS D 143 3.66 2.67 25.33
CA LYS D 143 4.16 1.39 24.83
C LYS D 143 3.63 0.23 25.66
N GLU D 144 3.60 0.42 26.98
CA GLU D 144 3.09 -0.61 27.88
C GLU D 144 1.59 -0.85 27.70
N SER D 145 0.84 0.22 27.46
CA SER D 145 -0.59 0.12 27.19
C SER D 145 -0.84 -0.62 25.88
N GLY D 146 -0.02 -0.31 24.88
CA GLY D 146 -0.09 -1.02 23.62
C GLY D 146 0.17 -2.51 23.80
N VAL D 147 1.23 -2.81 24.54
CA VAL D 147 1.58 -4.20 24.84
C VAL D 147 0.45 -4.89 25.59
N ALA D 148 -0.19 -4.15 26.49
CA ALA D 148 -1.27 -4.70 27.32
C ALA D 148 -2.59 -4.91 26.59
N THR D 149 -2.80 -4.21 25.47
CA THR D 149 -4.02 -4.34 24.67
C THR D 149 -3.80 -5.14 23.40
N PHE D 150 -2.59 -5.65 23.22
CA PHE D 150 -2.21 -6.35 21.98
C PHE D 150 -3.13 -7.52 21.61
N LYS D 151 -3.47 -8.36 22.57
CA LYS D 151 -4.31 -9.53 22.29
C LYS D 151 -5.78 -9.15 22.14
N THR D 152 -6.31 -8.40 23.10
CA THR D 152 -7.72 -8.04 23.12
C THR D 152 -8.14 -6.98 22.10
N PHE D 153 -7.32 -5.94 21.96
CA PHE D 153 -7.67 -4.82 21.07
C PHE D 153 -6.52 -4.35 20.18
N PRO D 154 -6.16 -5.16 19.17
CA PRO D 154 -5.00 -4.92 18.30
C PRO D 154 -5.01 -3.56 17.60
N LYS D 155 -6.17 -3.13 17.10
CA LYS D 155 -6.29 -1.82 16.47
C LYS D 155 -5.88 -0.69 17.41
N PHE D 156 -6.29 -0.80 18.67
CA PHE D 156 -5.92 0.20 19.68
C PHE D 156 -4.49 0.03 20.18
N ALA D 157 -4.01 -1.20 20.24
CA ALA D 157 -2.61 -1.47 20.57
C ALA D 157 -1.72 -0.79 19.52
N PHE D 158 -2.05 -0.99 18.25
CA PHE D 158 -1.37 -0.31 17.15
C PHE D 158 -1.34 1.20 17.35
N ASP D 159 -2.50 1.78 17.66
CA ASP D 159 -2.60 3.22 17.91
C ASP D 159 -1.62 3.70 18.98
N TYR D 160 -1.53 2.94 20.06
CA TYR D 160 -0.62 3.24 21.15
C TYR D 160 0.85 3.31 20.72
N PHE D 161 1.31 2.30 20.01
CA PHE D 161 2.67 2.24 19.49
C PHE D 161 2.97 3.42 18.55
N VAL D 162 2.03 3.75 17.68
CA VAL D 162 2.17 4.92 16.80
C VAL D 162 2.37 6.22 17.57
N ARG D 163 1.51 6.45 18.57
CA ARG D 163 1.61 7.63 19.41
C ARG D 163 2.94 7.68 20.18
N ALA D 164 3.34 6.56 20.76
CA ALA D 164 4.63 6.47 21.46
C ALA D 164 5.78 6.75 20.50
N ALA D 165 5.72 6.14 19.32
CA ALA D 165 6.74 6.34 18.30
C ALA D 165 6.78 7.78 17.80
N LYS D 166 5.60 8.37 17.61
CA LYS D 166 5.51 9.75 17.13
C LYS D 166 6.16 10.73 18.10
N LEU D 167 5.95 10.51 19.40
CA LEU D 167 6.59 11.33 20.43
C LEU D 167 8.12 11.23 20.36
N LEU D 168 8.63 10.04 20.08
CA LEU D 168 10.07 9.80 20.08
C LEU D 168 10.83 10.39 18.88
N ILE D 169 10.29 10.24 17.67
CA ILE D 169 10.99 10.67 16.45
C ILE D 169 11.24 12.17 16.38
N THR D 170 10.53 12.91 17.23
CA THR D 170 10.76 14.35 17.39
C THR D 170 12.22 14.61 17.79
N TYR D 171 12.83 13.63 18.46
CA TYR D 171 14.19 13.77 18.94
C TYR D 171 15.28 13.17 18.04
N LYS D 172 14.97 12.99 16.76
CA LYS D 172 15.97 12.49 15.82
C LYS D 172 16.85 13.64 15.34
N PRO D 173 18.15 13.37 15.12
CA PRO D 173 18.82 12.09 15.37
C PRO D 173 19.13 11.85 16.84
N PHE D 174 18.94 10.61 17.29
CA PHE D 174 19.08 10.26 18.71
C PHE D 174 20.52 10.33 19.22
N ASP D 175 21.49 10.25 18.30
CA ASP D 175 22.90 10.24 18.67
C ASP D 175 23.37 11.56 19.32
N LYS D 176 22.54 12.59 19.20
CA LYS D 176 22.88 13.91 19.75
C LYS D 176 22.30 14.14 21.14
N LEU D 177 21.64 13.13 21.68
CA LEU D 177 21.05 13.26 23.01
C LEU D 177 22.05 12.83 24.07
N THR D 178 22.23 13.66 25.09
CA THR D 178 23.13 13.40 26.21
C THR D 178 22.38 13.66 27.51
N LYS D 179 22.86 13.10 28.61
CA LYS D 179 22.18 13.23 29.89
C LYS D 179 22.34 14.64 30.45
N LYS D 180 23.43 15.30 30.10
CA LYS D 180 23.64 16.70 30.47
C LYS D 180 22.53 17.60 29.95
N THR D 181 22.47 17.73 28.62
CA THR D 181 21.55 18.66 27.96
C THR D 181 20.09 18.21 28.02
N ASN D 182 19.85 16.93 27.76
CA ASN D 182 18.50 16.43 27.55
C ASN D 182 17.93 15.62 28.70
N GLY D 183 18.79 15.18 29.61
CA GLY D 183 18.33 14.42 30.77
C GLY D 183 18.19 12.93 30.52
N ILE D 184 18.63 12.48 29.34
CA ILE D 184 18.62 11.07 29.00
C ILE D 184 19.65 10.79 27.91
N ASN D 185 20.12 9.55 27.86
CA ASN D 185 21.07 9.11 26.84
C ASN D 185 20.34 8.80 25.55
N GLY D 186 20.90 9.22 24.43
CA GLY D 186 20.31 8.95 23.13
C GLY D 186 20.11 7.46 22.84
N GLN D 187 20.91 6.62 23.50
CA GLN D 187 20.83 5.18 23.32
C GLN D 187 19.59 4.56 23.96
N ALA D 188 19.19 5.10 25.11
CA ALA D 188 17.98 4.64 25.79
C ALA D 188 16.74 4.90 24.92
N VAL D 189 16.71 6.07 24.28
CA VAL D 189 15.61 6.45 23.40
C VAL D 189 15.57 5.55 22.17
N GLU D 190 16.74 5.35 21.55
CA GLU D 190 16.89 4.51 20.37
C GLU D 190 16.40 3.09 20.64
N GLU D 191 16.72 2.57 21.82
CA GLU D 191 16.31 1.22 22.21
C GLU D 191 14.80 1.08 22.31
N LEU D 192 14.17 2.03 23.01
CA LEU D 192 12.71 2.09 23.12
C LEU D 192 12.06 2.18 21.73
N PHE D 193 12.58 3.07 20.89
CA PHE D 193 12.03 3.28 19.56
C PHE D 193 12.03 1.99 18.75
N ILE D 194 13.13 1.23 18.86
CA ILE D 194 13.25 -0.05 18.16
C ILE D 194 12.20 -1.06 18.64
N GLN D 195 12.02 -1.15 19.95
CA GLN D 195 11.02 -2.04 20.52
C GLN D 195 9.60 -1.69 20.05
N ILE D 196 9.35 -0.39 19.88
CA ILE D 196 8.07 0.07 19.35
C ILE D 196 7.88 -0.40 17.91
N GLN D 197 8.92 -0.24 17.07
CA GLN D 197 8.88 -0.74 15.69
C GLN D 197 8.54 -2.22 15.59
N THR D 198 9.20 -3.04 16.39
CA THR D 198 8.90 -4.48 16.46
C THR D 198 7.42 -4.71 16.78
N ASN D 199 6.93 -3.99 17.78
CA ASN D 199 5.52 -4.08 18.18
C ASN D 199 4.53 -3.68 17.08
N LEU D 200 4.82 -2.58 16.39
CA LEU D 200 4.04 -2.16 15.22
C LEU D 200 3.96 -3.26 14.18
N ALA D 201 5.11 -3.83 13.84
CA ALA D 201 5.17 -4.93 12.87
C ALA D 201 4.39 -6.17 13.35
N ALA D 202 4.48 -6.47 14.64
CA ALA D 202 3.71 -7.57 15.20
C ALA D 202 2.21 -7.31 15.06
N CYS D 203 1.81 -6.06 15.30
CA CYS D 203 0.40 -5.68 15.23
C CYS D 203 -0.26 -5.96 13.89
N LEU D 204 0.44 -5.72 12.79
CA LEU D 204 -0.12 -5.99 11.46
C LEU D 204 -0.42 -7.48 11.28
N LEU D 205 0.45 -8.33 11.81
CA LEU D 205 0.22 -9.78 11.75
C LEU D 205 -0.96 -10.17 12.64
N GLN D 206 -1.08 -9.52 13.79
CA GLN D 206 -2.16 -9.80 14.72
C GLN D 206 -3.52 -9.43 14.13
N GLU D 207 -3.58 -8.32 13.41
CA GLU D 207 -4.80 -7.93 12.70
C GLU D 207 -5.21 -8.95 11.65
N LYS D 208 -4.25 -9.44 10.87
CA LYS D 208 -4.51 -10.44 9.81
C LYS D 208 -5.03 -11.75 10.37
N ARG D 209 -4.44 -12.18 11.48
CA ARG D 209 -4.79 -13.41 12.17
C ARG D 209 -6.29 -13.49 12.46
N TYR D 210 -6.90 -12.34 12.71
CA TYR D 210 -8.33 -12.29 13.00
C TYR D 210 -9.16 -11.51 11.98
N GLU D 211 -8.60 -11.28 10.79
CA GLU D 211 -9.29 -10.48 9.77
C GLU D 211 -10.53 -11.17 9.22
N HIS D 212 -10.46 -12.48 9.02
CA HIS D 212 -11.57 -13.24 8.48
C HIS D 212 -12.37 -13.91 9.58
N VAL D 213 -12.16 -13.44 10.81
CA VAL D 213 -12.93 -13.93 11.95
C VAL D 213 -14.04 -12.91 12.20
N ILE D 214 -15.28 -13.37 12.12
CA ILE D 214 -16.42 -12.47 12.29
C ILE D 214 -16.54 -12.04 13.74
N TYR D 215 -17.16 -10.90 13.98
CA TYR D 215 -17.31 -10.36 15.32
C TYR D 215 -18.61 -10.83 15.95
N TRP E 7 -11.99 -46.59 -3.72
CA TRP E 7 -13.09 -45.82 -3.18
C TRP E 7 -12.67 -44.39 -2.87
N TYR E 8 -11.39 -44.13 -3.02
CA TYR E 8 -10.84 -42.80 -2.89
C TYR E 8 -10.06 -42.56 -4.17
N VAL E 9 -9.65 -43.66 -4.81
CA VAL E 9 -8.92 -43.57 -6.05
C VAL E 9 -9.73 -42.95 -7.18
N GLY E 10 -9.15 -41.97 -7.83
CA GLY E 10 -9.83 -41.29 -8.93
C GLY E 10 -10.27 -39.89 -8.54
N THR E 11 -10.28 -39.61 -7.23
CA THR E 11 -10.66 -38.28 -6.76
C THR E 11 -9.56 -37.26 -6.99
N GLU E 12 -9.94 -35.99 -6.93
CA GLU E 12 -9.01 -34.90 -7.24
C GLU E 12 -8.87 -33.90 -6.11
N TRP E 13 -7.85 -33.05 -6.24
CA TRP E 13 -7.61 -31.96 -5.30
C TRP E 13 -6.81 -30.91 -6.05
N GLU E 14 -7.05 -29.64 -5.76
CA GLU E 14 -6.40 -28.58 -6.51
C GLU E 14 -5.99 -27.37 -5.67
N ASP E 15 -4.93 -26.71 -6.10
CA ASP E 15 -4.61 -25.38 -5.64
C ASP E 15 -4.52 -24.51 -6.89
N LYS E 16 -5.61 -23.84 -7.21
CA LYS E 16 -5.69 -23.08 -8.45
C LYS E 16 -4.66 -21.96 -8.46
N ASN E 17 -4.45 -21.36 -7.30
CA ASN E 17 -3.50 -20.25 -7.17
C ASN E 17 -2.04 -20.69 -7.33
N ARG E 18 -1.71 -21.89 -6.86
CA ARG E 18 -0.33 -22.39 -6.95
C ARG E 18 -0.08 -23.24 -8.17
N GLY E 19 -1.14 -23.56 -8.92
CA GLY E 19 -0.99 -24.38 -10.10
C GLY E 19 -0.57 -25.77 -9.70
N LEU E 20 -1.23 -26.28 -8.66
CA LEU E 20 -0.96 -27.60 -8.10
C LEU E 20 -2.20 -28.48 -8.22
N ALA E 21 -2.00 -29.71 -8.71
CA ALA E 21 -3.09 -30.68 -8.78
C ALA E 21 -2.63 -32.10 -8.46
N LYS E 22 -3.49 -32.84 -7.79
CA LYS E 22 -3.20 -34.22 -7.43
C LYS E 22 -4.40 -35.11 -7.76
N LYS E 23 -4.12 -36.24 -8.40
CA LYS E 23 -5.17 -37.20 -8.73
C LYS E 23 -4.83 -38.62 -8.32
N VAL E 24 -5.63 -39.15 -7.39
CA VAL E 24 -5.40 -40.46 -6.79
C VAL E 24 -5.63 -41.62 -7.78
N ILE E 25 -4.58 -42.40 -8.02
CA ILE E 25 -4.65 -43.54 -8.95
C ILE E 25 -4.65 -44.88 -8.24
N GLY E 26 -4.04 -44.93 -7.06
CA GLY E 26 -3.92 -46.16 -6.30
C GLY E 26 -3.81 -45.88 -4.81
N LEU E 27 -4.47 -46.70 -4.01
CA LEU E 27 -4.38 -46.55 -2.57
C LEU E 27 -4.14 -47.88 -1.85
N GLN E 28 -3.04 -47.94 -1.12
CA GLN E 28 -2.81 -49.01 -0.16
C GLN E 28 -3.40 -48.57 1.19
N PHE E 29 -4.64 -48.95 1.46
CA PHE E 29 -5.33 -48.46 2.65
C PHE E 29 -4.68 -48.89 3.95
N THR E 30 -4.47 -47.91 4.82
CA THR E 30 -3.95 -48.16 6.15
C THR E 30 -4.63 -47.22 7.13
N GLU E 31 -4.49 -45.91 6.88
CA GLU E 31 -4.98 -44.87 7.78
C GLU E 31 -5.33 -43.71 6.86
N MET E 32 -6.22 -42.81 7.28
CA MET E 32 -6.51 -41.64 6.45
C MET E 32 -5.66 -40.44 6.86
N ASP E 33 -4.62 -40.72 7.64
CA ASP E 33 -3.82 -39.65 8.23
C ASP E 33 -3.01 -38.88 7.20
N LYS E 34 -3.05 -37.56 7.29
CA LYS E 34 -2.32 -36.70 6.38
C LYS E 34 -1.16 -36.03 7.11
N PRO E 35 -0.01 -35.93 6.44
CA PRO E 35 1.15 -35.24 7.01
C PRO E 35 0.78 -33.79 7.33
N THR E 36 1.27 -33.28 8.45
CA THR E 36 1.05 -31.89 8.83
C THR E 36 2.21 -31.04 8.35
N ILE E 37 2.15 -29.75 8.61
CA ILE E 37 3.15 -28.80 8.16
C ILE E 37 4.54 -29.00 8.78
N ILE E 38 4.61 -29.73 9.89
CA ILE E 38 5.88 -30.02 10.54
C ILE E 38 6.12 -31.52 10.59
N SER E 39 5.41 -32.23 9.72
CA SER E 39 5.54 -33.67 9.61
C SER E 39 6.93 -34.09 9.11
N THR E 40 7.27 -35.35 9.37
CA THR E 40 8.37 -35.99 8.66
C THR E 40 7.81 -37.21 7.94
N VAL E 41 7.97 -37.23 6.63
CA VAL E 41 7.39 -38.30 5.82
C VAL E 41 8.46 -39.00 5.02
N GLU E 42 8.16 -40.22 4.61
CA GLU E 42 8.92 -40.88 3.57
C GLU E 42 8.02 -41.20 2.40
N PHE E 43 8.52 -40.89 1.20
CA PHE E 43 7.70 -41.00 0.01
C PHE E 43 8.51 -41.51 -1.18
N SER E 44 7.80 -41.92 -2.22
CA SER E 44 8.44 -42.45 -3.42
C SER E 44 8.03 -41.69 -4.68
N VAL E 45 9.03 -41.27 -5.46
CA VAL E 45 8.81 -40.74 -6.79
C VAL E 45 8.82 -41.95 -7.74
N ASN E 46 7.68 -42.25 -8.34
CA ASN E 46 7.49 -43.54 -9.03
C ASN E 46 8.13 -43.71 -10.41
N LYS E 47 8.18 -42.62 -11.18
CA LYS E 47 8.94 -42.61 -12.43
C LYS E 47 9.54 -41.22 -12.65
N LYS E 48 10.38 -41.09 -13.67
CA LYS E 48 11.06 -39.83 -13.92
C LYS E 48 10.07 -38.71 -14.20
N ALA E 49 10.33 -37.54 -13.62
CA ALA E 49 9.47 -36.39 -13.86
C ALA E 49 9.64 -35.90 -15.28
N THR E 50 8.54 -35.47 -15.89
CA THR E 50 8.60 -34.86 -17.22
C THR E 50 8.50 -33.34 -17.15
N ASN E 51 9.22 -32.68 -18.05
CA ASN E 51 9.26 -31.21 -18.13
C ASN E 51 9.84 -30.51 -16.91
N LEU E 52 10.91 -31.05 -16.32
CA LEU E 52 11.56 -30.35 -15.22
C LEU E 52 12.20 -29.06 -15.75
N GLY E 53 13.04 -29.19 -16.77
CA GLY E 53 13.59 -28.02 -17.44
C GLY E 53 14.74 -27.38 -16.72
N GLY E 54 15.56 -28.19 -16.05
CA GLY E 54 16.74 -27.69 -15.38
C GLY E 54 16.45 -26.95 -14.08
N ARG E 55 15.17 -26.76 -13.77
CA ARG E 55 14.77 -26.18 -12.48
C ARG E 55 15.32 -27.05 -11.37
N PRO E 56 16.06 -26.45 -10.43
CA PRO E 56 16.71 -27.29 -9.40
C PRO E 56 15.68 -27.93 -8.48
N SER E 57 15.95 -29.18 -8.09
CA SER E 57 15.07 -29.92 -7.21
C SER E 57 15.89 -31.00 -6.55
N LYS E 58 15.61 -31.28 -5.28
CA LYS E 58 16.35 -32.30 -4.56
C LYS E 58 15.78 -33.67 -4.86
N TYR E 59 14.48 -33.70 -5.15
CA TYR E 59 13.75 -34.95 -5.28
C TYR E 59 13.29 -35.26 -6.70
N LEU E 60 13.03 -34.22 -7.48
CA LEU E 60 12.55 -34.42 -8.85
C LEU E 60 13.69 -34.53 -9.84
N VAL E 61 14.91 -34.37 -9.36
CA VAL E 61 16.10 -34.44 -10.21
C VAL E 61 16.71 -35.84 -10.21
N ALA E 66 19.75 -46.27 -8.98
CA ALA E 66 19.65 -45.25 -9.99
C ALA E 66 18.53 -45.57 -10.97
N THR E 67 17.33 -45.74 -10.43
CA THR E 67 16.15 -46.03 -11.21
C THR E 67 14.96 -45.53 -10.45
N TYR E 68 13.77 -45.87 -10.89
CA TYR E 68 12.57 -45.52 -10.14
C TYR E 68 11.84 -46.81 -9.74
N PRO E 69 11.10 -46.79 -8.65
CA PRO E 69 10.83 -45.59 -7.89
C PRO E 69 12.00 -45.21 -7.01
N GLN E 70 12.11 -43.92 -6.70
CA GLN E 70 13.09 -43.48 -5.76
C GLN E 70 12.39 -43.09 -4.46
N LYS E 71 12.95 -43.55 -3.36
CA LYS E 71 12.40 -43.25 -2.06
C LYS E 71 13.22 -42.20 -1.34
N HIS E 72 12.56 -41.48 -0.47
CA HIS E 72 13.05 -40.23 0.10
C HIS E 72 12.53 -39.95 1.51
N SER E 73 13.41 -39.37 2.33
CA SER E 73 13.06 -38.95 3.69
C SER E 73 12.99 -37.42 3.72
N LEU E 74 11.82 -36.89 4.07
CA LEU E 74 11.60 -35.44 4.04
C LEU E 74 11.05 -34.91 5.35
N GLU E 75 11.70 -33.88 5.88
CA GLU E 75 11.11 -33.10 6.97
C GLU E 75 10.53 -31.81 6.42
N MET E 76 9.24 -31.60 6.64
CA MET E 76 8.54 -30.43 6.13
C MET E 76 9.20 -29.13 6.61
N GLY E 77 9.27 -28.15 5.72
CA GLY E 77 9.82 -26.85 6.06
C GLY E 77 11.32 -26.70 5.84
N THR E 78 11.92 -27.64 5.11
CA THR E 78 13.36 -27.62 4.87
C THR E 78 13.74 -27.44 3.39
N SER E 79 12.74 -27.44 2.51
CA SER E 79 12.99 -27.33 1.07
C SER E 79 13.62 -26.00 0.66
N LEU E 80 14.52 -26.04 -0.31
CA LEU E 80 15.32 -24.87 -0.68
C LEU E 80 15.17 -24.44 -2.14
N THR E 81 14.21 -25.06 -2.83
CA THR E 81 13.89 -24.70 -4.22
C THR E 81 12.40 -24.58 -4.40
N ALA E 82 11.98 -23.89 -5.46
CA ALA E 82 10.57 -23.70 -5.73
C ALA E 82 9.85 -25.04 -5.88
N VAL E 83 10.43 -25.92 -6.69
CA VAL E 83 9.86 -27.23 -6.96
C VAL E 83 9.68 -28.08 -5.69
N ASP E 84 10.72 -28.15 -4.87
CA ASP E 84 10.68 -28.93 -3.63
C ASP E 84 9.64 -28.41 -2.63
N CYS E 85 9.53 -27.08 -2.50
CA CYS E 85 8.57 -26.48 -1.59
C CYS E 85 7.13 -26.81 -1.97
N TYR E 86 6.86 -26.84 -3.27
CA TYR E 86 5.53 -27.20 -3.78
C TYR E 86 5.27 -28.71 -3.75
N LEU E 87 6.33 -29.49 -3.91
CA LEU E 87 6.26 -30.94 -3.73
C LEU E 87 5.75 -31.25 -2.33
N GLU E 88 6.41 -30.65 -1.33
CA GLU E 88 6.00 -30.77 0.07
C GLU E 88 4.51 -30.52 0.21
N LEU E 89 4.05 -29.43 -0.37
CA LEU E 89 2.65 -29.02 -0.26
C LEU E 89 1.69 -30.07 -0.81
N LEU E 90 2.15 -30.81 -1.81
CA LEU E 90 1.37 -31.90 -2.40
C LEU E 90 1.29 -33.08 -1.41
N LEU E 91 2.44 -33.43 -0.84
CA LEU E 91 2.52 -34.56 0.11
C LEU E 91 1.64 -34.38 1.34
N GLN E 92 1.40 -33.13 1.73
CA GLN E 92 0.48 -32.84 2.82
C GLN E 92 -0.96 -33.13 2.42
N GLN E 93 -1.17 -33.50 1.15
CA GLN E 93 -2.50 -33.91 0.72
C GLN E 93 -2.55 -35.42 0.48
N PHE E 94 -1.53 -36.14 0.93
CA PHE E 94 -1.54 -37.59 0.82
C PHE E 94 -2.00 -38.24 2.12
N VAL E 95 -2.53 -39.46 2.01
CA VAL E 95 -2.69 -40.34 3.15
C VAL E 95 -1.60 -41.38 2.90
N PRO E 96 -1.21 -42.16 3.91
CA PRO E 96 -0.15 -43.11 3.54
C PRO E 96 -0.76 -44.22 2.71
N GLY E 97 0.07 -44.92 1.93
CA GLY E 97 -0.42 -45.92 1.00
C GLY E 97 -1.02 -45.33 -0.26
N GLU E 98 -0.88 -44.01 -0.44
CA GLU E 98 -1.57 -43.31 -1.52
C GLU E 98 -0.63 -42.91 -2.66
N THR E 99 -0.93 -43.41 -3.86
CA THR E 99 -0.22 -42.99 -5.08
C THR E 99 -1.10 -42.08 -5.95
N ALA E 100 -0.53 -40.97 -6.39
CA ALA E 100 -1.29 -39.99 -7.17
C ALA E 100 -0.46 -39.40 -8.29
N ALA E 101 -1.12 -39.07 -9.38
CA ALA E 101 -0.49 -38.26 -10.41
C ALA E 101 -0.48 -36.85 -9.88
N CYS E 102 0.61 -36.12 -10.11
CA CYS E 102 0.75 -34.77 -9.60
C CYS E 102 1.32 -33.81 -10.65
N SER E 103 0.71 -32.64 -10.78
CA SER E 103 1.21 -31.64 -11.72
C SER E 103 1.46 -30.29 -11.09
N ILE E 104 2.56 -29.67 -11.51
CA ILE E 104 2.87 -28.29 -11.16
C ILE E 104 2.84 -27.49 -12.46
N THR E 105 1.86 -26.59 -12.59
CA THR E 105 1.77 -25.77 -13.79
C THR E 105 2.70 -24.57 -13.64
N THR E 106 3.68 -24.44 -14.53
CA THR E 106 4.59 -23.31 -14.51
C THR E 106 3.98 -22.15 -15.27
N LYS E 107 4.55 -20.96 -15.13
CA LYS E 107 4.01 -19.74 -15.73
C LYS E 107 3.93 -19.87 -17.24
N THR E 108 4.89 -20.57 -17.78
CA THR E 108 4.96 -20.85 -19.19
C THR E 108 3.67 -21.46 -19.68
N GLY E 109 2.90 -22.05 -18.77
CA GLY E 109 1.67 -22.75 -19.08
C GLY E 109 1.90 -24.25 -19.04
N GLU E 110 3.16 -24.59 -19.13
CA GLU E 110 3.69 -25.95 -19.17
C GLU E 110 3.52 -26.64 -17.81
N ARG E 111 3.57 -27.97 -17.81
CA ARG E 111 3.35 -28.73 -16.58
C ARG E 111 4.50 -29.67 -16.27
N ILE E 112 4.97 -29.60 -15.03
CA ILE E 112 5.91 -30.58 -14.50
C ILE E 112 5.05 -31.72 -13.99
N GLU E 113 5.24 -32.92 -14.55
CA GLU E 113 4.48 -34.07 -14.06
C GLU E 113 5.36 -35.10 -13.39
N PHE E 114 4.87 -35.62 -12.28
CA PHE E 114 5.54 -36.65 -11.53
C PHE E 114 4.50 -37.43 -10.77
N GLU E 115 4.75 -38.72 -10.60
CA GLU E 115 3.85 -39.58 -9.84
C GLU E 115 4.54 -39.93 -8.53
N LEU E 116 3.79 -39.85 -7.44
CA LEU E 116 4.36 -40.03 -6.10
C LEU E 116 3.60 -41.06 -5.28
N LYS E 117 4.27 -41.61 -4.28
CA LYS E 117 3.58 -42.28 -3.18
C LYS E 117 4.19 -41.95 -1.83
N LEU E 118 3.32 -41.62 -0.88
CA LEU E 118 3.70 -41.42 0.50
C LEU E 118 3.79 -42.79 1.18
N GLU E 119 5.00 -43.27 1.42
CA GLU E 119 5.20 -44.58 2.06
C GLU E 119 4.68 -44.56 3.50
N LYS E 120 5.21 -43.64 4.30
CA LYS E 120 4.74 -43.49 5.68
C LYS E 120 5.03 -42.10 6.28
N ILE E 121 4.27 -41.79 7.32
CA ILE E 121 4.47 -40.57 8.08
C ILE E 121 5.24 -40.93 9.35
N VAL E 122 6.53 -40.57 9.40
CA VAL E 122 7.39 -40.95 10.51
C VAL E 122 7.00 -40.24 11.82
N LYS E 123 6.87 -38.93 11.74
CA LYS E 123 6.37 -38.10 12.83
C LYS E 123 5.30 -37.16 12.28
N ASN E 124 4.15 -37.08 12.94
CA ASN E 124 3.06 -36.24 12.45
C ASN E 124 2.49 -35.35 13.53
N THR E 125 3.35 -34.59 14.19
CA THR E 125 2.90 -33.75 15.31
C THR E 125 1.98 -32.64 14.85
N GLN E 126 1.12 -32.22 15.77
CA GLN E 126 0.16 -31.16 15.49
C GLN E 126 0.71 -29.86 16.05
N VAL E 127 0.51 -28.77 15.31
CA VAL E 127 1.03 -27.47 15.69
C VAL E 127 0.46 -27.00 17.03
N GLU E 128 -0.81 -27.30 17.26
CA GLU E 128 -1.49 -26.92 18.50
C GLU E 128 -0.91 -27.64 19.73
N LYS E 129 -0.31 -28.80 19.50
CA LYS E 129 0.29 -29.60 20.57
C LYS E 129 1.52 -28.95 21.18
N LEU E 130 2.22 -28.14 20.38
CA LEU E 130 3.55 -27.68 20.73
C LEU E 130 3.59 -26.57 21.79
N SER E 131 4.58 -26.65 22.66
CA SER E 131 4.90 -25.58 23.60
C SER E 131 5.61 -24.46 22.85
N ALA E 132 5.78 -23.32 23.50
CA ALA E 132 6.49 -22.21 22.90
C ALA E 132 7.90 -22.63 22.52
N ALA E 133 8.54 -23.40 23.40
CA ALA E 133 9.89 -23.92 23.17
C ALA E 133 9.97 -24.70 21.85
N GLU E 134 8.97 -25.54 21.62
CA GLU E 134 8.91 -26.35 20.40
C GLU E 134 8.52 -25.51 19.19
N ILE E 135 7.64 -24.54 19.41
CA ILE E 135 7.28 -23.57 18.37
C ILE E 135 8.53 -22.78 17.96
N TYR E 136 9.32 -22.40 18.96
CA TYR E 136 10.58 -21.69 18.73
C TYR E 136 11.46 -22.45 17.75
N GLU E 137 11.63 -23.75 17.98
CA GLU E 137 12.49 -24.56 17.14
C GLU E 137 11.97 -24.68 15.72
N VAL E 138 10.64 -24.70 15.58
CA VAL E 138 10.03 -24.70 14.26
C VAL E 138 10.30 -23.37 13.56
N ALA E 139 10.01 -22.27 14.25
CA ALA E 139 10.23 -20.93 13.72
C ALA E 139 11.69 -20.72 13.34
N LEU E 140 12.57 -21.24 14.16
CA LEU E 140 14.01 -21.16 13.92
C LEU E 140 14.36 -21.85 12.60
N ARG E 141 13.74 -22.99 12.35
CA ARG E 141 14.01 -23.80 11.15
C ARG E 141 13.51 -23.10 9.90
N LEU E 142 12.33 -22.48 10.00
CA LEU E 142 11.77 -21.76 8.88
C LEU E 142 12.64 -20.54 8.50
N LYS E 143 13.12 -19.82 9.50
CA LYS E 143 14.01 -18.68 9.28
C LYS E 143 15.29 -19.13 8.59
N GLU E 144 15.85 -20.23 9.05
CA GLU E 144 17.06 -20.76 8.44
C GLU E 144 16.82 -21.14 6.98
N SER E 145 15.66 -21.72 6.71
CA SER E 145 15.28 -22.02 5.32
C SER E 145 15.15 -20.75 4.49
N GLY E 146 14.66 -19.68 5.12
CA GLY E 146 14.48 -18.42 4.44
C GLY E 146 15.82 -17.82 4.05
N VAL E 147 16.71 -17.75 5.03
CA VAL E 147 18.06 -17.25 4.79
C VAL E 147 18.73 -18.03 3.66
N ALA E 148 18.48 -19.33 3.61
CA ALA E 148 19.08 -20.18 2.59
C ALA E 148 18.46 -20.00 1.20
N THR E 149 17.18 -19.64 1.16
CA THR E 149 16.47 -19.44 -0.09
C THR E 149 16.49 -17.99 -0.61
N PHE E 150 17.05 -17.09 0.20
CA PHE E 150 17.01 -15.65 -0.06
C PHE E 150 17.49 -15.22 -1.45
N LYS E 151 18.65 -15.73 -1.85
CA LYS E 151 19.28 -15.30 -3.10
C LYS E 151 18.68 -15.98 -4.33
N THR E 152 18.36 -17.25 -4.18
CA THR E 152 17.89 -18.07 -5.29
C THR E 152 16.39 -18.00 -5.50
N PHE E 153 15.64 -17.97 -4.40
CA PHE E 153 14.20 -18.00 -4.47
C PHE E 153 13.56 -17.02 -3.49
N PRO E 154 13.59 -15.72 -3.82
CA PRO E 154 13.12 -14.62 -2.97
C PRO E 154 11.70 -14.80 -2.44
N LYS E 155 10.77 -15.14 -3.31
CA LYS E 155 9.36 -15.28 -2.92
C LYS E 155 9.11 -16.39 -1.89
N PHE E 156 9.79 -17.52 -2.06
CA PHE E 156 9.72 -18.63 -1.12
C PHE E 156 10.42 -18.31 0.19
N ALA E 157 11.56 -17.61 0.09
CA ALA E 157 12.24 -17.11 1.28
C ALA E 157 11.29 -16.23 2.07
N PHE E 158 10.69 -15.25 1.40
CA PHE E 158 9.72 -14.37 2.02
C PHE E 158 8.63 -15.15 2.73
N ASP E 159 8.04 -16.12 2.03
CA ASP E 159 7.01 -16.99 2.62
C ASP E 159 7.47 -17.74 3.88
N TYR E 160 8.75 -18.11 3.90
CA TYR E 160 9.32 -18.79 5.06
C TYR E 160 9.33 -17.89 6.29
N PHE E 161 9.78 -16.66 6.10
CA PHE E 161 9.86 -15.69 7.18
C PHE E 161 8.47 -15.32 7.71
N VAL E 162 7.52 -15.15 6.79
CA VAL E 162 6.13 -14.88 7.16
C VAL E 162 5.55 -16.01 8.01
N ARG E 163 5.77 -17.24 7.57
CA ARG E 163 5.34 -18.43 8.33
C ARG E 163 6.01 -18.50 9.70
N ALA E 164 7.30 -18.17 9.74
CA ALA E 164 8.04 -18.15 10.98
C ALA E 164 7.49 -17.08 11.94
N ALA E 165 7.24 -15.89 11.40
CA ALA E 165 6.76 -14.78 12.22
C ALA E 165 5.36 -15.05 12.77
N LYS E 166 4.51 -15.66 11.95
CA LYS E 166 3.13 -15.96 12.37
C LYS E 166 3.08 -16.97 13.51
N LEU E 167 3.98 -17.93 13.49
CA LEU E 167 4.09 -18.90 14.58
C LEU E 167 4.35 -18.23 15.92
N LEU E 168 5.21 -17.22 15.90
CA LEU E 168 5.70 -16.61 17.14
C LEU E 168 4.73 -15.62 17.80
N ILE E 169 4.05 -14.81 17.00
CA ILE E 169 3.15 -13.77 17.51
C ILE E 169 2.02 -14.35 18.35
N THR E 170 1.74 -15.63 18.13
CA THR E 170 0.86 -16.42 18.98
C THR E 170 1.17 -16.21 20.47
N TYR E 171 2.43 -15.90 20.77
CA TYR E 171 2.90 -15.79 22.15
C TYR E 171 3.16 -14.37 22.64
N LYS E 172 2.79 -13.36 21.85
CA LYS E 172 2.98 -11.98 22.30
C LYS E 172 2.01 -11.61 23.42
N PRO E 173 2.48 -10.84 24.42
CA PRO E 173 3.86 -10.36 24.63
C PRO E 173 4.79 -11.47 25.10
N PHE E 174 6.05 -11.35 24.72
CA PHE E 174 7.06 -12.35 25.03
C PHE E 174 7.57 -12.19 26.46
N ASP E 175 7.23 -11.08 27.10
CA ASP E 175 7.67 -10.83 28.47
C ASP E 175 7.09 -11.84 29.46
N LYS E 176 5.89 -12.33 29.16
CA LYS E 176 5.20 -13.26 30.05
C LYS E 176 5.79 -14.66 29.97
N LEU E 177 6.61 -14.90 28.96
CA LEU E 177 7.18 -16.22 28.74
C LEU E 177 8.31 -16.52 29.72
N THR E 178 8.27 -17.74 30.28
CA THR E 178 9.24 -18.23 31.25
C THR E 178 9.61 -19.64 30.84
N LYS E 179 10.81 -20.07 31.19
CA LYS E 179 11.24 -21.43 30.86
C LYS E 179 10.38 -22.41 31.63
N LYS E 180 10.01 -22.04 32.85
CA LYS E 180 9.13 -22.87 33.69
C LYS E 180 7.81 -23.26 33.02
N THR E 181 7.14 -22.28 32.42
CA THR E 181 5.80 -22.50 31.87
C THR E 181 5.81 -22.95 30.41
N ASN E 182 6.69 -22.34 29.61
CA ASN E 182 6.68 -22.52 28.16
C ASN E 182 7.90 -23.25 27.62
N GLY E 183 8.91 -23.45 28.47
CA GLY E 183 10.12 -24.15 28.05
C GLY E 183 11.12 -23.24 27.37
N ILE E 184 10.93 -21.93 27.52
CA ILE E 184 11.81 -20.96 26.87
C ILE E 184 11.65 -19.56 27.47
N ASN E 185 12.77 -18.85 27.62
CA ASN E 185 12.74 -17.47 28.06
C ASN E 185 12.10 -16.60 26.99
N GLY E 186 11.46 -15.50 27.40
CA GLY E 186 10.87 -14.57 26.46
C GLY E 186 11.90 -13.88 25.58
N GLN E 187 13.10 -13.65 26.11
CA GLN E 187 14.14 -12.93 25.39
C GLN E 187 14.55 -13.66 24.13
N ALA E 188 14.66 -14.98 24.24
CA ALA E 188 15.04 -15.82 23.11
C ALA E 188 14.06 -15.71 21.93
N VAL E 189 12.77 -15.75 22.25
CA VAL E 189 11.72 -15.63 21.25
C VAL E 189 11.74 -14.24 20.61
N GLU E 190 11.81 -13.20 21.45
CA GLU E 190 11.82 -11.82 20.97
C GLU E 190 12.94 -11.57 19.97
N GLU E 191 14.13 -12.08 20.28
CA GLU E 191 15.30 -11.88 19.42
C GLU E 191 15.11 -12.57 18.07
N LEU E 192 14.57 -13.78 18.08
CA LEU E 192 14.28 -14.50 16.84
C LEU E 192 13.32 -13.65 16.01
N PHE E 193 12.31 -13.08 16.68
CA PHE E 193 11.29 -12.30 16.01
C PHE E 193 11.87 -11.07 15.35
N ILE E 194 12.75 -10.37 16.05
CA ILE E 194 13.42 -9.20 15.47
C ILE E 194 14.19 -9.60 14.22
N GLN E 195 14.92 -10.71 14.30
CA GLN E 195 15.72 -11.18 13.15
C GLN E 195 14.86 -11.55 11.96
N ILE E 196 13.68 -12.10 12.22
CA ILE E 196 12.75 -12.42 11.15
C ILE E 196 12.26 -11.14 10.46
N GLN E 197 11.89 -10.14 11.25
CA GLN E 197 11.52 -8.83 10.73
C GLN E 197 12.60 -8.25 9.82
N THR E 198 13.84 -8.20 10.32
CA THR E 198 14.97 -7.74 9.52
C THR E 198 15.09 -8.46 8.18
N ASN E 199 14.85 -9.77 8.18
CA ASN E 199 14.87 -10.53 6.93
C ASN E 199 13.71 -10.21 5.98
N LEU E 200 12.53 -10.00 6.54
CA LEU E 200 11.37 -9.58 5.75
C LEU E 200 11.65 -8.26 5.06
N ALA E 201 12.35 -7.37 5.75
CA ALA E 201 12.70 -6.08 5.18
C ALA E 201 13.64 -6.29 4.01
N ALA E 202 14.71 -7.04 4.24
CA ALA E 202 15.64 -7.41 3.18
C ALA E 202 14.89 -8.04 2.01
N CYS E 203 13.91 -8.90 2.31
CA CYS E 203 13.13 -9.57 1.28
C CYS E 203 12.36 -8.63 0.37
N LEU E 204 11.77 -7.59 0.97
CA LEU E 204 11.06 -6.57 0.20
C LEU E 204 11.98 -5.92 -0.83
N LEU E 205 13.20 -5.58 -0.42
CA LEU E 205 14.17 -4.99 -1.33
C LEU E 205 14.63 -5.97 -2.40
N GLN E 206 14.96 -7.18 -1.97
CA GLN E 206 15.39 -8.24 -2.88
C GLN E 206 14.30 -8.57 -3.90
N GLU E 207 13.04 -8.39 -3.52
CA GLU E 207 11.93 -8.62 -4.44
C GLU E 207 11.79 -7.47 -5.43
N LYS E 208 12.13 -6.26 -5.00
CA LYS E 208 12.12 -5.10 -5.89
C LYS E 208 13.22 -5.19 -6.96
N ARG E 209 14.38 -5.75 -6.57
CA ARG E 209 15.53 -5.80 -7.46
C ARG E 209 15.32 -6.72 -8.67
N TYR E 210 14.63 -7.83 -8.44
CA TYR E 210 14.39 -8.82 -9.48
C TYR E 210 12.99 -8.72 -10.06
N GLU E 211 12.32 -7.64 -9.72
CA GLU E 211 10.93 -7.42 -10.09
C GLU E 211 10.77 -7.12 -11.57
N HIS E 212 11.62 -6.25 -12.08
CA HIS E 212 11.60 -5.89 -13.48
C HIS E 212 12.56 -6.70 -14.33
N VAL E 213 13.20 -7.69 -13.75
CA VAL E 213 14.00 -8.67 -14.48
C VAL E 213 13.06 -9.77 -14.96
N ILE E 214 13.15 -10.13 -16.24
CA ILE E 214 12.25 -11.16 -16.77
C ILE E 214 12.69 -12.55 -16.31
N TYR E 215 11.82 -13.54 -16.48
CA TYR E 215 12.11 -14.91 -16.05
C TYR E 215 12.77 -15.75 -17.14
N TRP F 7 -12.49 -44.68 9.66
CA TRP F 7 -13.89 -44.31 9.72
C TRP F 7 -14.07 -42.86 10.06
N TYR F 8 -15.00 -42.26 9.34
CA TYR F 8 -15.12 -40.83 9.20
C TYR F 8 -16.04 -40.24 10.20
N VAL F 9 -16.30 -40.95 11.29
CA VAL F 9 -16.96 -40.31 12.39
C VAL F 9 -15.90 -39.99 13.40
N GLY F 10 -15.95 -38.79 13.96
CA GLY F 10 -14.92 -38.38 14.91
C GLY F 10 -13.78 -37.62 14.26
N THR F 11 -13.77 -37.63 12.95
CA THR F 11 -12.94 -36.76 12.13
C THR F 11 -13.20 -35.29 12.47
N GLU F 12 -12.17 -34.47 12.38
CA GLU F 12 -12.29 -33.04 12.66
C GLU F 12 -11.65 -32.19 11.57
N TRP F 13 -12.38 -31.16 11.14
CA TRP F 13 -11.88 -30.25 10.12
C TRP F 13 -11.86 -28.82 10.67
N GLU F 14 -10.88 -28.03 10.25
CA GLU F 14 -10.78 -26.64 10.71
C GLU F 14 -10.33 -25.66 9.64
N ASP F 15 -10.79 -24.42 9.79
CA ASP F 15 -10.23 -23.27 9.07
C ASP F 15 -9.93 -22.27 10.18
N LYS F 16 -8.70 -22.35 10.70
CA LYS F 16 -8.29 -21.54 11.84
C LYS F 16 -8.38 -20.05 11.55
N ASN F 17 -8.13 -19.67 10.30
CA ASN F 17 -8.27 -18.27 9.88
C ASN F 17 -9.69 -17.72 9.98
N ARG F 18 -10.69 -18.56 9.72
CA ARG F 18 -12.08 -18.14 9.73
C ARG F 18 -12.81 -18.49 11.03
N GLY F 19 -12.16 -19.29 11.86
CA GLY F 19 -12.75 -19.71 13.12
C GLY F 19 -13.78 -20.80 12.93
N LEU F 20 -13.65 -21.51 11.81
CA LEU F 20 -14.59 -22.59 11.49
C LEU F 20 -14.06 -23.92 12.03
N ALA F 21 -14.94 -24.65 12.72
CA ALA F 21 -14.60 -25.95 13.28
C ALA F 21 -15.70 -26.96 12.98
N LYS F 22 -15.31 -28.14 12.51
CA LYS F 22 -16.27 -29.20 12.20
C LYS F 22 -15.79 -30.53 12.76
N LYS F 23 -16.63 -31.19 13.55
CA LYS F 23 -16.35 -32.52 14.06
C LYS F 23 -17.50 -33.47 13.73
N VAL F 24 -17.18 -34.63 13.16
CA VAL F 24 -18.21 -35.53 12.65
C VAL F 24 -18.82 -36.42 13.72
N ILE F 25 -20.07 -36.16 14.06
CA ILE F 25 -20.77 -36.94 15.08
C ILE F 25 -21.46 -38.19 14.53
N GLY F 26 -22.06 -38.10 13.35
CA GLY F 26 -22.79 -39.22 12.78
C GLY F 26 -22.81 -39.28 11.26
N LEU F 27 -22.50 -40.47 10.71
CA LEU F 27 -22.53 -40.64 9.26
C LEU F 27 -23.43 -41.79 8.78
N GLN F 28 -24.38 -41.46 7.91
CA GLN F 28 -25.11 -42.45 7.13
C GLN F 28 -24.55 -42.41 5.71
N PHE F 29 -23.70 -43.37 5.37
CA PHE F 29 -22.95 -43.32 4.12
C PHE F 29 -23.82 -43.45 2.88
N THR F 30 -23.54 -42.59 1.89
CA THR F 30 -24.21 -42.69 0.60
C THR F 30 -23.17 -42.43 -0.49
N LYS F 34 -18.37 -33.88 -2.19
CA LYS F 34 -18.48 -32.62 -1.46
C LYS F 34 -19.14 -31.56 -2.33
N PRO F 35 -20.01 -30.74 -1.72
CA PRO F 35 -20.67 -29.65 -2.45
C PRO F 35 -19.63 -28.66 -2.98
N THR F 36 -19.81 -28.18 -4.21
CA THR F 36 -18.89 -27.19 -4.79
C THR F 36 -19.23 -25.78 -4.33
N ILE F 37 -18.51 -24.80 -4.85
CA ILE F 37 -18.74 -23.39 -4.54
C ILE F 37 -20.01 -22.84 -5.20
N ILE F 38 -20.59 -23.62 -6.10
CA ILE F 38 -21.75 -23.19 -6.88
C ILE F 38 -22.90 -24.21 -6.78
N SER F 39 -22.71 -25.22 -5.95
CA SER F 39 -23.68 -26.28 -5.77
C SER F 39 -24.94 -25.81 -5.03
N THR F 40 -25.97 -26.64 -5.06
CA THR F 40 -27.22 -26.38 -4.33
C THR F 40 -27.50 -27.57 -3.41
N VAL F 41 -27.88 -27.28 -2.16
CA VAL F 41 -28.05 -28.34 -1.16
C VAL F 41 -29.31 -28.19 -0.30
N GLU F 42 -29.69 -29.29 0.35
CA GLU F 42 -30.69 -29.26 1.41
C GLU F 42 -30.07 -29.84 2.67
N PHE F 43 -30.29 -29.17 3.79
CA PHE F 43 -29.63 -29.51 5.04
C PHE F 43 -30.55 -29.23 6.23
N SER F 44 -30.27 -29.86 7.38
CA SER F 44 -31.07 -29.65 8.58
C SER F 44 -30.28 -29.02 9.71
N VAL F 45 -30.92 -28.13 10.45
CA VAL F 45 -30.39 -27.61 11.70
C VAL F 45 -30.94 -28.46 12.84
N ASN F 46 -30.20 -29.51 13.22
CA ASN F 46 -30.70 -30.52 14.15
C ASN F 46 -31.20 -30.02 15.51
N LYS F 47 -30.70 -28.87 15.94
CA LYS F 47 -31.13 -28.27 17.21
C LYS F 47 -30.78 -26.78 17.21
N LYS F 48 -31.40 -26.04 18.12
CA LYS F 48 -31.18 -24.60 18.27
C LYS F 48 -29.71 -24.21 18.34
N ALA F 49 -29.35 -23.19 17.56
CA ALA F 49 -28.00 -22.65 17.61
C ALA F 49 -27.78 -21.98 18.95
N THR F 50 -26.60 -22.18 19.51
CA THR F 50 -26.26 -21.59 20.79
C THR F 50 -25.43 -20.35 20.57
N ASN F 51 -25.69 -19.32 21.37
CA ASN F 51 -24.83 -18.14 21.42
C ASN F 51 -24.78 -17.30 20.14
N LEU F 52 -25.89 -17.25 19.41
CA LEU F 52 -25.98 -16.38 18.25
C LEU F 52 -25.63 -14.95 18.66
N GLY F 53 -26.18 -14.53 19.79
CA GLY F 53 -25.84 -13.25 20.38
C GLY F 53 -26.19 -12.04 19.52
N GLY F 54 -27.35 -12.09 18.87
CA GLY F 54 -27.84 -10.94 18.13
C GLY F 54 -27.54 -10.90 16.65
N ARG F 55 -26.62 -11.76 16.20
CA ARG F 55 -26.24 -11.80 14.79
C ARG F 55 -27.37 -12.36 13.92
N PRO F 56 -27.63 -11.71 12.78
CA PRO F 56 -28.71 -12.19 11.90
C PRO F 56 -28.30 -13.45 11.18
N SER F 57 -29.23 -14.37 10.99
CA SER F 57 -29.01 -15.53 10.13
C SER F 57 -30.33 -16.07 9.61
N LYS F 58 -30.33 -16.47 8.34
CA LYS F 58 -31.51 -17.04 7.72
C LYS F 58 -31.84 -18.42 8.30
N TYR F 59 -30.80 -19.20 8.56
CA TYR F 59 -30.97 -20.60 8.94
C TYR F 59 -30.77 -20.83 10.44
N LEU F 60 -30.24 -19.84 11.13
CA LEU F 60 -29.89 -20.00 12.53
C LEU F 60 -30.72 -19.15 13.48
N PRO F 69 -35.82 -29.26 14.46
CA PRO F 69 -34.92 -29.72 13.42
C PRO F 69 -35.30 -29.17 12.06
N GLN F 70 -35.40 -27.86 11.92
CA GLN F 70 -35.81 -27.28 10.65
C GLN F 70 -34.92 -27.66 9.48
N LYS F 71 -35.52 -27.97 8.35
CA LYS F 71 -34.77 -28.31 7.16
C LYS F 71 -34.70 -27.12 6.21
N HIS F 72 -33.58 -26.97 5.53
CA HIS F 72 -33.37 -25.82 4.68
C HIS F 72 -32.90 -26.14 3.29
N SER F 73 -33.17 -25.22 2.37
CA SER F 73 -32.71 -25.36 1.01
C SER F 73 -31.70 -24.24 0.75
N LEU F 74 -30.60 -24.56 0.09
CA LEU F 74 -29.49 -23.62 -0.03
C LEU F 74 -28.73 -23.70 -1.35
N GLU F 75 -28.56 -22.57 -2.00
CA GLU F 75 -27.69 -22.45 -3.16
C GLU F 75 -26.45 -21.66 -2.77
N MET F 76 -25.28 -22.20 -3.08
CA MET F 76 -24.01 -21.55 -2.75
C MET F 76 -23.86 -20.18 -3.44
N GLY F 77 -23.35 -19.21 -2.70
CA GLY F 77 -23.08 -17.89 -3.25
C GLY F 77 -24.28 -16.98 -3.16
N THR F 78 -25.23 -17.34 -2.31
CA THR F 78 -26.51 -16.62 -2.21
C THR F 78 -26.79 -16.06 -0.81
N SER F 79 -25.95 -16.42 0.15
CA SER F 79 -26.16 -16.00 1.53
C SER F 79 -25.81 -14.53 1.75
N LEU F 80 -26.60 -13.86 2.59
CA LEU F 80 -26.49 -12.41 2.78
C LEU F 80 -26.10 -11.98 4.20
N THR F 81 -25.76 -12.94 5.06
CA THR F 81 -25.25 -12.61 6.40
C THR F 81 -23.91 -13.28 6.67
N ALA F 82 -23.17 -12.74 7.64
CA ALA F 82 -21.86 -13.27 7.99
C ALA F 82 -21.91 -14.74 8.44
N VAL F 83 -22.85 -15.06 9.33
CA VAL F 83 -23.06 -16.43 9.79
C VAL F 83 -23.42 -17.35 8.62
N ASP F 84 -24.36 -16.93 7.79
CA ASP F 84 -24.82 -17.73 6.66
C ASP F 84 -23.72 -18.06 5.66
N CYS F 85 -22.86 -17.09 5.40
CA CYS F 85 -21.76 -17.28 4.43
C CYS F 85 -20.76 -18.33 4.89
N TYR F 86 -20.43 -18.34 6.17
CA TYR F 86 -19.52 -19.34 6.72
C TYR F 86 -20.20 -20.69 6.86
N LEU F 87 -21.49 -20.65 7.13
CA LEU F 87 -22.29 -21.87 7.17
C LEU F 87 -22.18 -22.61 5.85
N GLU F 88 -22.15 -21.86 4.74
CA GLU F 88 -21.96 -22.44 3.42
C GLU F 88 -20.59 -23.12 3.30
N LEU F 89 -19.56 -22.45 3.82
CA LEU F 89 -18.20 -22.97 3.78
C LEU F 89 -18.06 -24.28 4.57
N LEU F 90 -18.73 -24.33 5.72
CA LEU F 90 -18.76 -25.54 6.54
C LEU F 90 -19.46 -26.67 5.80
N LEU F 91 -20.61 -26.36 5.22
CA LEU F 91 -21.38 -27.33 4.43
C LEU F 91 -20.61 -27.87 3.23
N GLN F 92 -19.61 -27.11 2.77
CA GLN F 92 -18.78 -27.54 1.64
C GLN F 92 -17.81 -28.64 2.06
N GLN F 93 -17.77 -28.95 3.34
CA GLN F 93 -16.90 -29.99 3.87
C GLN F 93 -17.67 -31.21 4.35
N PHE F 94 -19.00 -31.14 4.25
CA PHE F 94 -19.87 -32.28 4.57
C PHE F 94 -19.91 -33.27 3.40
N VAL F 95 -20.26 -34.52 3.70
CA VAL F 95 -20.62 -35.51 2.68
C VAL F 95 -22.13 -35.75 2.82
N PRO F 96 -22.78 -36.30 1.77
CA PRO F 96 -24.23 -36.48 1.92
C PRO F 96 -24.54 -37.46 3.04
N GLY F 97 -25.48 -37.11 3.91
CA GLY F 97 -25.86 -37.99 5.00
C GLY F 97 -25.04 -37.77 6.28
N GLU F 98 -23.96 -37.03 6.17
CA GLU F 98 -23.13 -36.69 7.33
C GLU F 98 -23.85 -35.77 8.31
N THR F 99 -23.64 -36.01 9.59
CA THR F 99 -24.05 -35.10 10.64
C THR F 99 -22.75 -34.67 11.34
N ALA F 100 -22.69 -33.42 11.81
CA ALA F 100 -21.49 -32.92 12.45
C ALA F 100 -21.76 -31.77 13.43
N ALA F 101 -20.95 -31.70 14.49
CA ALA F 101 -20.99 -30.54 15.38
C ALA F 101 -20.14 -29.44 14.77
N CYS F 102 -20.75 -28.29 14.50
CA CYS F 102 -20.04 -27.19 13.86
C CYS F 102 -19.89 -26.00 14.80
N SER F 103 -18.83 -25.23 14.61
CA SER F 103 -18.60 -24.06 15.45
C SER F 103 -18.15 -22.86 14.63
N ILE F 104 -18.51 -21.66 15.09
CA ILE F 104 -17.93 -20.43 14.59
C ILE F 104 -17.40 -19.65 15.78
N THR F 105 -16.12 -19.31 15.74
CA THR F 105 -15.48 -18.57 16.82
C THR F 105 -15.46 -17.09 16.48
N THR F 106 -16.06 -16.27 17.33
CA THR F 106 -16.13 -14.83 17.10
C THR F 106 -14.83 -14.14 17.54
N LYS F 107 -14.62 -12.91 17.09
CA LYS F 107 -13.44 -12.12 17.46
C LYS F 107 -13.24 -12.09 18.98
N THR F 108 -14.36 -11.99 19.69
CA THR F 108 -14.37 -12.01 21.14
C THR F 108 -13.88 -13.34 21.69
N GLY F 109 -13.95 -14.38 20.87
CA GLY F 109 -13.55 -15.71 21.30
C GLY F 109 -14.76 -16.54 21.67
N GLU F 110 -15.93 -15.91 21.62
CA GLU F 110 -17.19 -16.62 21.82
C GLU F 110 -17.35 -17.67 20.72
N ARG F 111 -17.93 -18.81 21.08
CA ARG F 111 -18.21 -19.85 20.10
C ARG F 111 -19.70 -19.91 19.77
N ILE F 112 -20.02 -19.64 18.51
CA ILE F 112 -21.35 -19.93 18.00
C ILE F 112 -21.35 -21.40 17.61
N GLU F 113 -22.17 -22.19 18.29
CA GLU F 113 -22.18 -23.62 18.01
C GLU F 113 -23.57 -24.11 17.61
N PHE F 114 -23.57 -25.04 16.68
CA PHE F 114 -24.79 -25.56 16.10
C PHE F 114 -24.48 -26.93 15.50
N GLU F 115 -25.51 -27.59 15.00
CA GLU F 115 -25.39 -28.98 14.58
C GLU F 115 -26.15 -29.18 13.29
N LEU F 116 -25.45 -29.62 12.25
CA LEU F 116 -26.04 -29.73 10.92
C LEU F 116 -25.98 -31.14 10.37
N LYS F 117 -26.92 -31.45 9.49
CA LYS F 117 -26.89 -32.67 8.71
C LYS F 117 -27.12 -32.35 7.24
N LEU F 118 -26.20 -32.79 6.38
CA LEU F 118 -26.36 -32.60 4.94
C LEU F 118 -27.23 -33.70 4.37
N GLU F 119 -28.52 -33.41 4.23
CA GLU F 119 -29.49 -34.35 3.68
C GLU F 119 -29.08 -34.83 2.30
N LYS F 120 -29.00 -33.91 1.37
CA LYS F 120 -28.61 -34.23 0.01
C LYS F 120 -28.13 -33.02 -0.78
N ILE F 121 -27.34 -33.32 -1.81
CA ILE F 121 -26.87 -32.30 -2.74
C ILE F 121 -27.75 -32.36 -3.98
N VAL F 122 -28.66 -31.40 -4.12
CA VAL F 122 -29.57 -31.34 -5.26
C VAL F 122 -28.79 -31.17 -6.55
N LYS F 123 -27.89 -30.18 -6.56
CA LYS F 123 -27.09 -29.89 -7.73
C LYS F 123 -25.64 -29.64 -7.33
N ASN F 124 -24.70 -30.21 -8.07
CA ASN F 124 -23.28 -30.06 -7.75
C ASN F 124 -22.44 -29.85 -9.00
N THR F 125 -22.66 -28.71 -9.66
CA THR F 125 -21.92 -28.37 -10.88
C THR F 125 -20.45 -28.07 -10.58
N GLN F 126 -19.59 -28.22 -11.57
CA GLN F 126 -18.18 -27.91 -11.41
C GLN F 126 -17.81 -26.60 -12.09
N VAL F 127 -17.03 -25.79 -11.40
CA VAL F 127 -16.57 -24.51 -11.93
C VAL F 127 -15.50 -24.72 -13.02
N GLU F 128 -15.29 -25.96 -13.42
CA GLU F 128 -14.31 -26.27 -14.45
C GLU F 128 -14.97 -26.77 -15.75
N LYS F 129 -16.30 -26.90 -15.72
CA LYS F 129 -17.03 -27.46 -16.86
C LYS F 129 -17.91 -26.42 -17.55
N LEU F 130 -17.87 -25.19 -17.05
CA LEU F 130 -18.82 -24.18 -17.50
C LEU F 130 -18.38 -23.38 -18.73
N SER F 131 -19.35 -23.03 -19.57
CA SER F 131 -19.14 -22.13 -20.69
C SER F 131 -19.03 -20.71 -20.17
N ALA F 132 -18.54 -19.80 -21.02
CA ALA F 132 -18.45 -18.39 -20.64
C ALA F 132 -19.83 -17.85 -20.26
N ALA F 133 -20.86 -18.34 -20.92
CA ALA F 133 -22.23 -17.93 -20.62
C ALA F 133 -22.68 -18.33 -19.21
N GLU F 134 -22.33 -19.55 -18.80
CA GLU F 134 -22.67 -20.04 -17.46
C GLU F 134 -21.81 -19.40 -16.37
N ILE F 135 -20.53 -19.18 -16.68
CA ILE F 135 -19.62 -18.46 -15.79
C ILE F 135 -20.20 -17.08 -15.50
N TYR F 136 -20.61 -16.39 -16.56
CA TYR F 136 -21.28 -15.10 -16.45
C TYR F 136 -22.41 -15.14 -15.42
N GLU F 137 -23.23 -16.17 -15.49
CA GLU F 137 -24.36 -16.30 -14.57
C GLU F 137 -23.94 -16.45 -13.10
N VAL F 138 -22.83 -17.14 -12.87
CA VAL F 138 -22.28 -17.28 -11.52
C VAL F 138 -21.75 -15.93 -11.05
N ALA F 139 -21.00 -15.27 -11.91
CA ALA F 139 -20.50 -13.93 -11.62
C ALA F 139 -21.65 -12.98 -11.30
N LEU F 140 -22.69 -13.02 -12.12
CA LEU F 140 -23.87 -12.19 -11.94
C LEU F 140 -24.55 -12.46 -10.60
N ARG F 141 -24.62 -13.72 -10.19
CA ARG F 141 -25.19 -14.08 -8.89
C ARG F 141 -24.37 -13.54 -7.73
N LEU F 142 -23.06 -13.72 -7.82
CA LEU F 142 -22.12 -13.27 -6.79
C LEU F 142 -22.16 -11.75 -6.66
N LYS F 143 -22.25 -11.08 -7.79
CA LYS F 143 -22.33 -9.62 -7.80
C LYS F 143 -23.61 -9.13 -7.14
N GLU F 144 -24.74 -9.76 -7.47
CA GLU F 144 -26.00 -9.46 -6.79
C GLU F 144 -25.87 -9.72 -5.29
N SER F 145 -25.21 -10.81 -4.93
CA SER F 145 -24.93 -11.11 -3.53
C SER F 145 -24.12 -10.00 -2.87
N GLY F 146 -23.11 -9.49 -3.59
CA GLY F 146 -22.31 -8.41 -3.08
C GLY F 146 -23.13 -7.16 -2.79
N VAL F 147 -23.90 -6.72 -3.78
CA VAL F 147 -24.75 -5.55 -3.65
C VAL F 147 -25.70 -5.66 -2.45
N ALA F 148 -26.26 -6.85 -2.24
CA ALA F 148 -27.19 -7.07 -1.13
C ALA F 148 -26.54 -6.94 0.25
N THR F 149 -25.26 -7.32 0.33
CA THR F 149 -24.51 -7.26 1.58
C THR F 149 -23.65 -6.01 1.74
N PHE F 150 -23.67 -5.14 0.73
CA PHE F 150 -22.80 -3.96 0.72
C PHE F 150 -22.82 -3.16 2.02
N LYS F 151 -24.02 -2.82 2.49
CA LYS F 151 -24.15 -2.03 3.72
C LYS F 151 -24.02 -2.86 4.99
N THR F 152 -24.65 -4.04 4.98
CA THR F 152 -24.72 -4.87 6.18
C THR F 152 -23.40 -5.57 6.51
N PHE F 153 -22.77 -6.19 5.51
CA PHE F 153 -21.53 -6.92 5.75
C PHE F 153 -20.43 -6.65 4.71
N PRO F 154 -19.84 -5.45 4.75
CA PRO F 154 -18.87 -4.94 3.78
C PRO F 154 -17.74 -5.91 3.43
N LYS F 155 -17.22 -6.64 4.41
CA LYS F 155 -16.19 -7.63 4.14
C LYS F 155 -16.67 -8.74 3.23
N PHE F 156 -17.85 -9.27 3.51
CA PHE F 156 -18.41 -10.36 2.71
C PHE F 156 -18.90 -9.90 1.35
N ALA F 157 -19.37 -8.66 1.28
CA ALA F 157 -19.74 -8.06 0.01
C ALA F 157 -18.51 -7.90 -0.88
N PHE F 158 -17.44 -7.36 -0.31
CA PHE F 158 -16.16 -7.23 -1.00
C PHE F 158 -15.69 -8.59 -1.51
N ASP F 159 -15.79 -9.62 -0.67
CA ASP F 159 -15.40 -10.96 -1.07
C ASP F 159 -16.15 -11.42 -2.32
N TYR F 160 -17.45 -11.15 -2.33
CA TYR F 160 -18.33 -11.52 -3.44
C TYR F 160 -17.91 -10.87 -4.74
N PHE F 161 -17.60 -9.59 -4.69
CA PHE F 161 -17.21 -8.85 -5.88
C PHE F 161 -15.88 -9.33 -6.46
N VAL F 162 -14.94 -9.68 -5.59
CA VAL F 162 -13.64 -10.20 -6.01
C VAL F 162 -13.77 -11.54 -6.71
N ARG F 163 -14.49 -12.46 -6.09
CA ARG F 163 -14.72 -13.78 -6.67
C ARG F 163 -15.41 -13.65 -8.02
N ALA F 164 -16.38 -12.75 -8.10
CA ALA F 164 -17.08 -12.49 -9.35
C ALA F 164 -16.14 -11.95 -10.40
N ALA F 165 -15.31 -10.98 -10.01
CA ALA F 165 -14.33 -10.40 -10.91
C ALA F 165 -13.28 -11.40 -11.37
N LYS F 166 -12.88 -12.31 -10.47
CA LYS F 166 -11.86 -13.29 -10.82
C LYS F 166 -12.33 -14.30 -11.85
N LEU F 167 -13.63 -14.60 -11.83
CA LEU F 167 -14.24 -15.50 -12.81
C LEU F 167 -14.23 -14.89 -14.21
N LEU F 168 -14.54 -13.60 -14.30
CA LEU F 168 -14.66 -12.91 -15.59
C LEU F 168 -13.33 -12.70 -16.31
N ILE F 169 -12.27 -12.32 -15.59
CA ILE F 169 -10.97 -12.03 -16.23
C ILE F 169 -10.37 -13.21 -16.97
N THR F 170 -10.81 -14.41 -16.60
CA THR F 170 -10.42 -15.63 -17.32
C THR F 170 -10.66 -15.49 -18.84
N TYR F 171 -11.67 -14.72 -19.21
CA TYR F 171 -12.05 -14.55 -20.60
C TYR F 171 -11.55 -13.29 -21.30
N LYS F 172 -10.76 -12.48 -20.61
CA LYS F 172 -10.14 -11.31 -21.22
C LYS F 172 -9.15 -11.76 -22.30
N PRO F 173 -9.18 -11.13 -23.49
CA PRO F 173 -10.00 -10.01 -24.00
C PRO F 173 -11.46 -10.37 -24.19
N PHE F 174 -12.34 -9.43 -23.88
CA PHE F 174 -13.78 -9.66 -23.91
C PHE F 174 -14.38 -9.57 -25.32
N ASP F 175 -13.79 -8.73 -26.16
CA ASP F 175 -14.26 -8.52 -27.53
C ASP F 175 -14.35 -9.79 -28.38
N LYS F 176 -13.45 -10.74 -28.13
CA LYS F 176 -13.41 -11.98 -28.91
C LYS F 176 -14.56 -12.93 -28.59
N LEU F 177 -15.16 -12.72 -27.42
CA LEU F 177 -16.36 -13.47 -27.04
C LEU F 177 -17.51 -13.14 -27.98
N THR F 178 -18.08 -14.17 -28.62
CA THR F 178 -19.30 -14.02 -29.42
C THR F 178 -20.32 -15.08 -29.03
N LYS F 179 -21.59 -14.71 -29.11
CA LYS F 179 -22.73 -15.59 -28.86
C LYS F 179 -22.62 -17.00 -29.43
N LYS F 180 -22.08 -17.15 -30.63
CA LYS F 180 -22.02 -18.46 -31.27
C LYS F 180 -20.97 -19.38 -30.63
N THR F 181 -19.75 -18.89 -30.56
CA THR F 181 -18.61 -19.69 -30.10
C THR F 181 -18.65 -19.96 -28.60
N ASN F 182 -19.02 -18.93 -27.83
CA ASN F 182 -18.92 -18.98 -26.37
C ASN F 182 -20.27 -18.96 -25.66
N GLY F 183 -21.32 -18.57 -26.37
CA GLY F 183 -22.65 -18.50 -25.80
C GLY F 183 -22.95 -17.19 -25.11
N ILE F 184 -21.93 -16.32 -25.09
CA ILE F 184 -22.04 -15.03 -24.40
C ILE F 184 -21.45 -13.93 -25.27
N ASN F 185 -22.01 -12.73 -25.16
CA ASN F 185 -21.54 -11.58 -25.92
C ASN F 185 -20.51 -10.81 -25.10
N GLY F 186 -19.39 -10.44 -25.73
CA GLY F 186 -18.32 -9.73 -25.04
C GLY F 186 -18.78 -8.45 -24.37
N GLN F 187 -19.64 -7.71 -25.06
CA GLN F 187 -20.22 -6.49 -24.54
C GLN F 187 -20.86 -6.72 -23.17
N ALA F 188 -21.72 -7.74 -23.08
CA ALA F 188 -22.40 -8.06 -21.82
C ALA F 188 -21.43 -8.36 -20.68
N VAL F 189 -20.33 -9.04 -20.99
CA VAL F 189 -19.33 -9.40 -19.99
C VAL F 189 -18.60 -8.16 -19.48
N GLU F 190 -18.12 -7.33 -20.41
CA GLU F 190 -17.42 -6.10 -20.07
C GLU F 190 -18.24 -5.19 -19.16
N GLU F 191 -19.53 -5.09 -19.43
CA GLU F 191 -20.42 -4.26 -18.65
C GLU F 191 -20.64 -4.81 -17.24
N LEU F 192 -20.66 -6.14 -17.10
CA LEU F 192 -20.74 -6.74 -15.78
C LEU F 192 -19.44 -6.46 -15.04
N PHE F 193 -18.31 -6.53 -15.75
CA PHE F 193 -17.02 -6.33 -15.13
C PHE F 193 -16.90 -4.92 -14.57
N ILE F 194 -17.34 -3.95 -15.36
CA ILE F 194 -17.28 -2.54 -14.98
C ILE F 194 -18.13 -2.26 -13.75
N GLN F 195 -19.31 -2.86 -13.68
CA GLN F 195 -20.17 -2.72 -12.51
C GLN F 195 -19.49 -3.27 -11.27
N ILE F 196 -18.78 -4.38 -11.43
CA ILE F 196 -18.11 -5.04 -10.32
C ILE F 196 -16.97 -4.18 -9.80
N GLN F 197 -16.25 -3.55 -10.72
CA GLN F 197 -15.18 -2.63 -10.34
C GLN F 197 -15.68 -1.40 -9.58
N THR F 198 -16.84 -0.88 -10.01
CA THR F 198 -17.47 0.24 -9.30
C THR F 198 -17.87 -0.11 -7.88
N ASN F 199 -18.41 -1.30 -7.67
CA ASN F 199 -18.75 -1.74 -6.32
C ASN F 199 -17.51 -2.04 -5.50
N LEU F 200 -16.44 -2.49 -6.18
CA LEU F 200 -15.18 -2.80 -5.53
C LEU F 200 -14.60 -1.53 -4.91
N ALA F 201 -14.50 -0.49 -5.71
CA ALA F 201 -14.10 0.82 -5.22
C ALA F 201 -15.02 1.32 -4.11
N ALA F 202 -16.33 1.12 -4.27
CA ALA F 202 -17.31 1.54 -3.28
C ALA F 202 -17.11 0.84 -1.95
N CYS F 203 -16.73 -0.45 -2.00
CA CYS F 203 -16.47 -1.21 -0.77
C CYS F 203 -15.28 -0.64 -0.01
N LEU F 204 -14.34 -0.05 -0.74
CA LEU F 204 -13.16 0.54 -0.12
C LEU F 204 -13.51 1.82 0.65
N LEU F 205 -14.22 2.74 -0.01
CA LEU F 205 -14.69 3.95 0.64
C LEU F 205 -15.53 3.65 1.87
N GLN F 206 -16.39 2.63 1.76
CA GLN F 206 -17.23 2.19 2.85
C GLN F 206 -16.41 1.59 4.00
N GLU F 207 -15.37 0.85 3.63
CA GLU F 207 -14.50 0.24 4.63
C GLU F 207 -13.80 1.31 5.48
N LYS F 208 -13.38 2.38 4.82
CA LYS F 208 -12.66 3.47 5.48
C LYS F 208 -13.49 4.28 6.46
N ARG F 209 -14.75 4.55 6.11
CA ARG F 209 -15.63 5.32 6.96
C ARG F 209 -15.87 4.62 8.30
N TYR F 210 -15.97 3.30 8.26
CA TYR F 210 -16.27 2.53 9.46
C TYR F 210 -15.02 1.93 10.12
N GLU F 211 -13.86 2.22 9.54
CA GLU F 211 -12.60 1.65 10.00
C GLU F 211 -12.27 1.97 11.47
N HIS F 212 -12.57 3.19 11.90
CA HIS F 212 -12.30 3.61 13.28
C HIS F 212 -13.55 3.61 14.15
N VAL F 213 -14.61 2.96 13.66
CA VAL F 213 -15.84 2.81 14.43
C VAL F 213 -15.79 1.46 15.11
N ILE F 214 -15.86 1.43 16.43
CA ILE F 214 -15.77 0.16 17.15
C ILE F 214 -17.00 -0.71 16.87
N TYR F 215 -16.98 -1.95 17.35
CA TYR F 215 -18.11 -2.86 17.17
C TYR F 215 -19.16 -2.63 18.25
#